data_7VPW
#
_entry.id   7VPW
#
_cell.length_a   68.896
_cell.length_b   129.688
_cell.length_c   170.214
_cell.angle_alpha   90.000
_cell.angle_beta   90.000
_cell.angle_gamma   90.000
#
_symmetry.space_group_name_H-M   'P 2 21 21'
#
loop_
_entity.id
_entity.type
_entity.pdbx_description
1 polymer 'BRCA1-associated protein 1 (BAP1)'
2 polymer Transportin-1
#
loop_
_entity_poly.entity_id
_entity_poly.type
_entity_poly.pdbx_seq_one_letter_code
_entity_poly.pdbx_strand_id
1 'polypeptide(L)' IGRLHKQRKPDRRKRSRPY B
2 'polypeptide(L)'
;GGSKMEYEWKPDEQGLQQILQLLKESQSPDTTIQRTVQQKLEQLNQYPDFNNYLIFVLTKLKSEDEPTRSLSGLILKNNV
KAHFQNFPNGVTDFIKSECLNNIGDSSPLIRATVGILITTIASKGELQNWPDLLPKLCSLLDSEDYNTCEGAFGALQKIC
EDSAEILDSDVLDRPLNIMIPKFLQFFKHSSPKIRSHAVACVNQFIISRTQALMLHIDSFIENLFALAGDEEPEVRKNVC
RALVMLLEVRMDRLLPHMHNIVEYMLQRTQDQDENVALEACEFWLTLAEQPICKDVLVRHLPKLIPVLVNGMKYSDIDII
LLKGDVEEDETIPDSEQDIRGGSGGSGDTISDWNLRKCSAAALDVLANVYRDELLPHILPLLKELLFHHEWVVKESGILV
LGAIAEGCMQGMIPYLPELIPHLIQCLSDKKALVRSITCWTLSRYAHWVVSQPPDTYLKPLMTELLKRILDSNKRVQEAA
CSAFATLEEEACTELVPYLAYILDTLVFAFSKYQHKNLLILYDAIGTLADSVGHHLNKPEYIQMLMPPLIQKWNMLKDED
KDLFPLLECLSSVATALQSGFLPYCEPVYQRCVNLVQKTLAQAMLNNAQPDQYEAPDKDFMIVALDLLSGLAEGLGGNIE
QLVARSNILTLMYQCMQDKMPEVRQSSFALLGDLTKACFQHVKPCIADFMPILGTNLNPEFISVCNNATWAIGEISIQMG
IEMQPYIPMVLHQLVEIINRPNTPKTLLENTAITIGRLGYVCPQEVAPMLQQFIRPWCTSLRNIRDNEEKDSAFRGICTM
ISVNPSGVIQDFIFFCDAVASWINPKDDLRDMFCKILHGFKNQVGDENWRRFSDQFPLPLKERLAAFYGV
;
A
#
# COMPACT_ATOMS: atom_id res chain seq x y z
N ARG A 13 0.78 -3.07 -6.19
CA ARG A 13 0.92 -2.09 -7.25
C ARG A 13 0.77 -0.66 -6.72
N LYS A 14 1.51 0.28 -7.31
CA LYS A 14 1.42 1.70 -6.98
C LYS A 14 1.90 2.48 -8.21
N ARG A 15 1.14 2.38 -9.29
CA ARG A 15 1.53 2.95 -10.57
C ARG A 15 1.44 4.47 -10.54
N SER A 16 2.37 5.12 -11.25
CA SER A 16 2.65 6.54 -11.08
C SER A 16 1.52 7.39 -11.65
N ARG A 17 0.44 7.48 -10.88
CA ARG A 17 -0.56 8.51 -11.12
C ARG A 17 -0.01 9.87 -10.67
N PRO A 18 -0.48 10.96 -11.26
CA PRO A 18 0.13 12.26 -10.99
C PRO A 18 -0.36 12.97 -9.73
N TYR A 19 -1.07 12.29 -8.83
CA TYR A 19 -1.40 12.90 -7.53
C TYR A 19 -1.53 11.87 -6.40
N LYS B 10 30.05 31.35 36.62
CA LYS B 10 31.19 31.21 37.51
C LYS B 10 32.53 30.93 36.79
N PRO B 11 32.55 30.04 35.78
CA PRO B 11 33.80 29.85 35.00
C PRO B 11 34.11 31.09 34.17
N ASP B 12 35.38 31.54 34.23
CA ASP B 12 35.71 32.85 33.70
C ASP B 12 37.23 32.97 33.48
N GLU B 13 37.64 34.17 33.06
CA GLU B 13 39.03 34.60 32.87
C GLU B 13 39.72 33.73 31.82
N GLN B 14 40.90 33.16 32.10
CA GLN B 14 41.71 32.58 31.04
C GLN B 14 40.99 31.41 30.37
N GLY B 15 41.55 31.00 29.24
CA GLY B 15 40.94 29.95 28.46
C GLY B 15 39.92 30.60 27.55
N LEU B 16 39.29 31.66 28.06
CA LEU B 16 38.25 32.35 27.30
C LEU B 16 38.83 33.03 26.05
N GLN B 17 40.04 33.58 26.16
CA GLN B 17 40.72 34.08 24.98
C GLN B 17 40.88 33.00 23.92
N GLN B 18 41.25 31.79 24.34
CA GLN B 18 41.47 30.75 23.33
C GLN B 18 40.14 30.23 22.79
N ILE B 19 39.07 30.30 23.58
CA ILE B 19 37.75 29.93 23.06
C ILE B 19 37.26 30.98 22.06
N LEU B 20 37.51 32.26 22.33
CA LEU B 20 37.16 33.30 21.37
C LEU B 20 37.98 33.16 20.10
N GLN B 21 39.27 32.85 20.23
CA GLN B 21 40.10 32.49 19.09
C GLN B 21 39.50 31.32 18.32
N LEU B 22 39.00 30.31 19.04
CA LEU B 22 38.45 29.13 18.37
C LEU B 22 37.16 29.48 17.63
N LEU B 23 36.35 30.37 18.19
CA LEU B 23 35.13 30.80 17.50
C LEU B 23 35.48 31.59 16.24
N LYS B 24 36.42 32.53 16.37
CA LYS B 24 36.90 33.29 15.21
C LYS B 24 37.42 32.36 14.13
N GLU B 25 38.17 31.33 14.52
CA GLU B 25 38.66 30.34 13.56
C GLU B 25 37.52 29.54 12.94
N SER B 26 36.51 29.22 13.74
CA SER B 26 35.36 28.49 13.22
C SER B 26 34.53 29.33 12.26
N GLN B 27 34.70 30.65 12.27
CA GLN B 27 34.06 31.52 11.30
C GLN B 27 34.97 31.87 10.12
N SER B 28 35.89 30.96 9.76
CA SER B 28 36.90 31.29 8.77
C SER B 28 36.26 31.39 7.38
N PRO B 29 36.77 32.29 6.52
CA PRO B 29 36.23 32.32 5.14
C PRO B 29 36.56 31.07 4.35
N ASP B 30 37.80 30.60 4.42
CA ASP B 30 38.21 29.41 3.68
C ASP B 30 37.69 28.15 4.37
N THR B 31 37.37 27.15 3.56
CA THR B 31 36.90 25.89 4.10
C THR B 31 38.02 25.14 4.81
N THR B 32 39.26 25.40 4.43
CA THR B 32 40.39 24.62 4.94
C THR B 32 40.51 24.74 6.45
N ILE B 33 40.47 25.96 6.97
CA ILE B 33 40.55 26.14 8.42
C ILE B 33 39.26 25.65 9.08
N GLN B 34 38.12 25.88 8.45
CA GLN B 34 36.84 25.43 8.99
C GLN B 34 36.84 23.92 9.22
N ARG B 35 37.21 23.16 8.20
CA ARG B 35 37.22 21.71 8.31
C ARG B 35 38.50 21.17 8.92
N THR B 36 39.33 22.03 9.53
CA THR B 36 40.39 21.59 10.42
C THR B 36 40.21 22.09 11.84
N VAL B 37 39.31 23.04 12.05
CA VAL B 37 39.03 23.51 13.40
C VAL B 37 37.99 22.63 14.08
N GLN B 38 37.03 22.11 13.30
CA GLN B 38 35.94 21.32 13.86
C GLN B 38 36.45 20.09 14.62
N GLN B 39 37.64 19.60 14.27
CA GLN B 39 38.26 18.51 15.03
C GLN B 39 38.52 18.93 16.46
N LYS B 40 39.06 20.15 16.64
CA LYS B 40 39.29 20.67 17.99
C LYS B 40 37.99 20.78 18.78
N LEU B 41 36.91 21.17 18.11
CA LEU B 41 35.60 21.22 18.79
C LEU B 41 35.14 19.83 19.20
N GLU B 42 35.22 18.84 18.29
CA GLU B 42 34.72 17.54 18.70
C GLU B 42 35.64 16.84 19.67
N GLN B 43 36.87 17.33 19.83
CA GLN B 43 37.68 16.87 20.95
C GLN B 43 37.28 17.57 22.25
N LEU B 44 36.87 18.84 22.16
CA LEU B 44 36.51 19.59 23.36
C LEU B 44 35.13 19.23 23.91
N ASN B 45 34.22 18.68 23.09
CA ASN B 45 32.90 18.39 23.66
C ASN B 45 32.99 17.37 24.79
N GLN B 46 33.98 16.47 24.75
CA GLN B 46 34.11 15.41 25.73
C GLN B 46 34.47 15.93 27.13
N TYR B 47 34.57 17.25 27.31
CA TYR B 47 34.90 17.89 28.58
C TYR B 47 33.70 18.77 28.93
N PRO B 48 32.76 18.27 29.73
CA PRO B 48 31.52 19.02 29.99
C PRO B 48 31.67 20.47 30.46
N ASP B 49 32.79 20.84 31.07
CA ASP B 49 32.97 22.23 31.50
C ASP B 49 32.98 23.19 30.30
N PHE B 50 33.36 22.68 29.13
CA PHE B 50 33.29 23.42 27.88
C PHE B 50 31.93 24.08 27.67
N ASN B 51 30.87 23.35 27.99
CA ASN B 51 29.51 23.85 27.77
C ASN B 51 29.21 25.07 28.63
N ASN B 52 29.80 25.14 29.83
CA ASN B 52 29.65 26.34 30.64
C ASN B 52 30.19 27.56 29.92
N TYR B 53 31.36 27.43 29.30
CA TYR B 53 31.92 28.55 28.55
C TYR B 53 31.05 28.89 27.34
N LEU B 54 30.47 27.88 26.68
CA LEU B 54 29.60 28.19 25.55
C LEU B 54 28.38 29.00 25.98
N ILE B 55 27.66 28.52 26.99
CA ILE B 55 26.47 29.25 27.44
C ILE B 55 26.86 30.61 28.01
N PHE B 56 28.06 30.73 28.59
CA PHE B 56 28.50 32.02 29.12
C PHE B 56 28.77 33.02 28.00
N VAL B 57 29.50 32.59 26.98
CA VAL B 57 29.73 33.47 25.82
C VAL B 57 28.40 33.91 25.23
N LEU B 58 27.44 33.00 25.15
CA LEU B 58 26.14 33.37 24.57
C LEU B 58 25.42 34.39 25.45
N THR B 59 25.34 34.13 26.75
CA THR B 59 24.41 34.86 27.60
C THR B 59 24.99 36.12 28.23
N LYS B 60 26.31 36.21 28.40
CA LYS B 60 26.86 37.24 29.28
C LYS B 60 28.01 38.04 28.70
N LEU B 61 28.70 37.58 27.66
CA LEU B 61 29.87 38.28 27.14
C LEU B 61 29.40 39.28 26.09
N LYS B 62 28.74 40.34 26.58
CA LYS B 62 28.07 41.28 25.70
C LYS B 62 29.04 42.21 24.98
N SER B 63 30.33 42.13 25.27
CA SER B 63 31.29 42.95 24.54
C SER B 63 31.73 42.30 23.23
N GLU B 64 31.46 41.01 23.05
CA GLU B 64 31.75 40.34 21.79
C GLU B 64 30.53 40.42 20.87
N ASP B 65 30.80 40.30 19.57
CA ASP B 65 29.76 40.53 18.56
C ASP B 65 28.68 39.46 18.63
N GLU B 66 27.46 39.87 18.23
CA GLU B 66 26.31 38.96 18.29
C GLU B 66 26.49 37.67 17.49
N PRO B 67 27.08 37.67 16.28
CA PRO B 67 27.27 36.39 15.59
C PRO B 67 28.13 35.40 16.36
N THR B 68 29.22 35.86 16.98
CA THR B 68 30.07 34.96 17.74
C THR B 68 29.35 34.38 18.95
N ARG B 69 28.64 35.24 19.68
CA ARG B 69 27.87 34.80 20.83
C ARG B 69 26.83 33.76 20.43
N SER B 70 26.05 34.07 19.39
CA SER B 70 25.06 33.14 18.90
C SER B 70 25.71 31.82 18.50
N LEU B 71 26.80 31.88 17.72
CA LEU B 71 27.47 30.67 17.26
C LEU B 71 27.92 29.81 18.43
N SER B 72 28.39 30.45 19.50
CA SER B 72 28.68 29.70 20.72
C SER B 72 27.44 28.97 21.19
N GLY B 73 26.31 29.68 21.24
CA GLY B 73 25.06 29.04 21.64
C GLY B 73 24.69 27.85 20.75
N LEU B 74 24.94 27.98 19.45
CA LEU B 74 24.52 26.92 18.53
C LEU B 74 25.45 25.72 18.59
N ILE B 75 26.76 25.95 18.75
CA ILE B 75 27.67 24.86 19.08
C ILE B 75 27.14 24.12 20.30
N LEU B 76 26.69 24.87 21.31
CA LEU B 76 26.12 24.23 22.49
C LEU B 76 24.84 23.47 22.15
N LYS B 77 24.08 23.95 21.17
CA LYS B 77 22.92 23.18 20.71
C LYS B 77 23.34 21.80 20.21
N ASN B 78 24.35 21.77 19.34
CA ASN B 78 24.79 20.49 18.81
C ASN B 78 25.36 19.57 19.89
N ASN B 79 26.00 20.14 20.93
CA ASN B 79 26.47 19.32 22.04
C ASN B 79 25.34 18.72 22.85
N VAL B 80 24.10 19.17 22.66
CA VAL B 80 22.97 18.56 23.34
C VAL B 80 22.27 17.58 22.40
N LYS B 81 22.35 17.86 21.10
CA LYS B 81 21.74 16.96 20.12
C LYS B 81 22.36 15.57 20.19
N ALA B 82 23.62 15.48 20.61
CA ALA B 82 24.28 14.19 20.76
C ALA B 82 25.01 14.14 22.10
N HIS B 83 25.09 12.93 22.65
CA HIS B 83 25.73 12.63 23.93
C HIS B 83 25.42 13.66 25.02
N PHE B 84 24.15 14.07 25.10
CA PHE B 84 23.65 14.78 26.27
C PHE B 84 23.52 13.88 27.49
N GLN B 85 23.68 12.56 27.29
CA GLN B 85 23.54 11.60 28.38
C GLN B 85 24.48 11.92 29.54
N ASN B 86 25.74 12.24 29.22
CA ASN B 86 26.77 12.45 30.23
C ASN B 86 26.95 13.93 30.59
N PHE B 87 25.87 14.70 30.55
CA PHE B 87 25.95 16.08 31.01
C PHE B 87 25.82 16.13 32.54
N PRO B 88 26.67 16.88 33.23
CA PRO B 88 26.55 16.99 34.68
C PRO B 88 25.28 17.73 35.07
N ASN B 89 24.80 17.43 36.27
CA ASN B 89 23.55 18.05 36.74
C ASN B 89 23.74 19.53 37.03
N GLY B 90 24.89 19.92 37.58
CA GLY B 90 25.14 21.33 37.80
C GLY B 90 25.25 22.12 36.51
N VAL B 91 25.93 21.54 35.50
CA VAL B 91 26.05 22.19 34.20
C VAL B 91 24.68 22.35 33.56
N THR B 92 23.87 21.28 33.61
CA THR B 92 22.53 21.33 33.03
C THR B 92 21.67 22.36 33.73
N ASP B 93 21.72 22.40 35.06
CA ASP B 93 20.94 23.40 35.79
C ASP B 93 21.41 24.81 35.46
N PHE B 94 22.72 25.00 35.25
CA PHE B 94 23.22 26.33 34.93
C PHE B 94 22.73 26.79 33.56
N ILE B 95 22.80 25.91 32.56
CA ILE B 95 22.32 26.27 31.22
C ILE B 95 20.82 26.49 31.22
N LYS B 96 20.07 25.60 31.88
CA LYS B 96 18.64 25.78 32.09
C LYS B 96 18.34 27.16 32.65
N SER B 97 19.05 27.53 33.74
CA SER B 97 18.79 28.78 34.42
C SER B 97 19.12 29.98 33.53
N GLU B 98 20.28 29.93 32.86
CA GLU B 98 20.69 31.07 32.05
C GLU B 98 19.73 31.28 30.87
N CYS B 99 19.46 30.21 30.12
CA CYS B 99 18.56 30.33 28.97
C CYS B 99 17.19 30.83 29.39
N LEU B 100 16.61 30.21 30.41
CA LEU B 100 15.24 30.53 30.81
C LEU B 100 15.12 31.90 31.45
N ASN B 101 16.21 32.45 32.00
CA ASN B 101 16.17 33.83 32.50
C ASN B 101 16.33 34.84 31.38
N ASN B 102 17.15 34.53 30.39
CA ASN B 102 17.56 35.49 29.36
C ASN B 102 16.83 35.23 28.04
N ILE B 103 15.54 34.88 28.13
CA ILE B 103 14.82 34.46 26.94
C ILE B 103 14.45 35.66 26.06
N GLY B 104 14.32 36.85 26.65
CA GLY B 104 13.86 37.99 25.90
C GLY B 104 14.93 39.01 25.61
N ASP B 105 16.05 38.56 25.05
CA ASP B 105 17.17 39.47 24.77
C ASP B 105 16.80 40.42 23.64
N SER B 106 17.47 41.58 23.63
CA SER B 106 17.13 42.61 22.66
C SER B 106 17.46 42.18 21.24
N SER B 107 18.43 41.29 21.07
CA SER B 107 18.77 40.85 19.72
C SER B 107 17.89 39.68 19.32
N PRO B 108 17.19 39.75 18.19
CA PRO B 108 16.39 38.61 17.75
C PRO B 108 17.21 37.37 17.44
N LEU B 109 18.44 37.54 16.94
CA LEU B 109 19.29 36.37 16.70
C LEU B 109 19.63 35.68 18.01
N ILE B 110 20.00 36.45 19.03
CA ILE B 110 20.26 35.89 20.36
C ILE B 110 19.00 35.24 20.90
N ARG B 111 17.85 35.91 20.73
CA ARG B 111 16.59 35.38 21.22
C ARG B 111 16.27 34.02 20.60
N ALA B 112 16.52 33.88 19.29
CA ALA B 112 16.25 32.61 18.62
C ALA B 112 17.27 31.54 18.97
N THR B 113 18.53 31.91 19.17
CA THR B 113 19.51 30.96 19.67
C THR B 113 19.08 30.39 21.02
N VAL B 114 18.65 31.26 21.93
CA VAL B 114 18.18 30.82 23.24
C VAL B 114 16.93 29.95 23.07
N GLY B 115 16.04 30.33 22.15
CA GLY B 115 14.84 29.54 21.92
C GLY B 115 15.15 28.14 21.45
N ILE B 116 16.10 27.99 20.52
CA ILE B 116 16.42 26.66 20.03
C ILE B 116 17.23 25.87 21.07
N LEU B 117 18.00 26.55 21.92
CA LEU B 117 18.61 25.85 23.06
C LEU B 117 17.55 25.28 23.98
N ILE B 118 16.56 26.09 24.37
CA ILE B 118 15.49 25.60 25.23
C ILE B 118 14.75 24.44 24.57
N THR B 119 14.41 24.62 23.29
CA THR B 119 13.76 23.56 22.53
C THR B 119 14.55 22.26 22.55
N THR B 120 15.85 22.34 22.28
CA THR B 120 16.67 21.13 22.21
C THR B 120 16.87 20.51 23.58
N ILE B 121 16.98 21.34 24.63
CA ILE B 121 17.16 20.83 25.98
C ILE B 121 15.90 20.12 26.45
N ALA B 122 14.73 20.50 25.92
CA ALA B 122 13.52 19.74 26.20
C ALA B 122 13.31 18.56 25.25
N SER B 123 13.76 18.67 24.00
CA SER B 123 13.52 17.65 22.99
C SER B 123 14.44 16.46 23.21
N LYS B 124 15.75 16.68 23.27
CA LYS B 124 16.66 15.72 23.87
C LYS B 124 16.52 15.80 25.39
N GLY B 125 16.96 14.75 26.07
CA GLY B 125 16.46 14.71 27.42
C GLY B 125 14.96 14.44 27.36
N GLU B 126 14.24 14.93 28.36
CA GLU B 126 12.79 14.83 28.34
C GLU B 126 12.22 15.79 29.37
N LEU B 127 10.92 16.06 29.23
CA LEU B 127 10.31 17.18 29.91
C LEU B 127 10.25 16.98 31.42
N GLN B 128 9.95 15.76 31.87
CA GLN B 128 9.85 15.54 33.31
C GLN B 128 11.20 15.60 34.01
N ASN B 129 12.30 15.74 33.27
CA ASN B 129 13.60 16.03 33.86
C ASN B 129 13.90 17.52 33.93
N TRP B 130 12.93 18.36 33.57
CA TRP B 130 12.97 19.81 33.72
C TRP B 130 11.56 20.32 33.99
N PRO B 131 10.87 19.80 35.02
CA PRO B 131 9.42 20.01 35.09
C PRO B 131 8.99 21.42 35.41
N ASP B 132 9.87 22.25 35.97
CA ASP B 132 9.51 23.64 36.26
C ASP B 132 9.43 24.51 35.01
N LEU B 133 9.87 23.99 33.85
CA LEU B 133 9.93 24.78 32.63
C LEU B 133 8.55 25.26 32.21
N LEU B 134 7.60 24.33 32.12
CA LEU B 134 6.27 24.67 31.60
C LEU B 134 5.58 25.69 32.49
N PRO B 135 5.46 25.49 33.82
CA PRO B 135 4.87 26.56 34.64
C PRO B 135 5.65 27.85 34.58
N LYS B 136 6.99 27.77 34.63
CA LYS B 136 7.77 28.99 34.73
C LYS B 136 7.59 29.87 33.51
N LEU B 137 7.67 29.30 32.31
CA LEU B 137 7.50 30.15 31.14
C LEU B 137 6.05 30.39 30.76
N CYS B 138 5.09 29.66 31.34
CA CYS B 138 3.71 30.12 31.20
C CYS B 138 3.46 31.33 32.10
N SER B 139 4.21 31.44 33.21
CA SER B 139 4.12 32.63 34.03
C SER B 139 4.80 33.84 33.36
N LEU B 140 5.86 33.60 32.59
CA LEU B 140 6.45 34.64 31.76
C LEU B 140 5.53 35.05 30.62
N LEU B 141 4.47 34.28 30.37
CA LEU B 141 3.67 34.50 29.17
C LEU B 141 2.82 35.76 29.30
N ASP B 142 2.51 36.17 30.53
CA ASP B 142 1.77 37.40 30.79
C ASP B 142 2.66 38.63 30.79
N SER B 143 3.94 38.48 30.46
CA SER B 143 4.91 39.52 30.75
C SER B 143 4.63 40.80 29.97
N GLU B 144 5.05 41.91 30.56
CA GLU B 144 4.86 43.23 29.96
C GLU B 144 5.92 43.54 28.92
N ASP B 145 7.02 42.78 28.89
CA ASP B 145 8.04 42.91 27.85
C ASP B 145 7.61 41.99 26.71
N TYR B 146 7.24 42.59 25.57
CA TYR B 146 6.80 41.82 24.40
C TYR B 146 7.81 40.74 24.02
N ASN B 147 9.10 41.06 24.07
CA ASN B 147 10.11 40.11 23.63
C ASN B 147 10.10 38.84 24.47
N THR B 148 9.98 38.98 25.80
CA THR B 148 9.94 37.79 26.65
C THR B 148 8.70 36.97 26.38
N CYS B 149 7.55 37.61 26.23
CA CYS B 149 6.32 36.91 25.88
C CYS B 149 6.46 36.20 24.53
N GLU B 150 7.00 36.91 23.54
CA GLU B 150 7.15 36.33 22.20
C GLU B 150 8.07 35.12 22.22
N GLY B 151 9.21 35.24 22.90
CA GLY B 151 10.14 34.12 22.97
C GLY B 151 9.59 32.94 23.73
N ALA B 152 8.86 33.21 24.81
CA ALA B 152 8.22 32.13 25.56
C ALA B 152 7.23 31.39 24.68
N PHE B 153 6.40 32.13 23.93
CA PHE B 153 5.46 31.49 23.03
C PHE B 153 6.17 30.71 21.92
N GLY B 154 7.25 31.28 21.37
CA GLY B 154 7.97 30.59 20.32
C GLY B 154 8.57 29.27 20.80
N ALA B 155 9.07 29.25 22.03
CA ALA B 155 9.53 27.99 22.61
C ALA B 155 8.38 27.03 22.83
N LEU B 156 7.28 27.54 23.40
CA LEU B 156 6.10 26.72 23.66
C LEU B 156 5.62 26.02 22.41
N GLN B 157 5.57 26.75 21.29
CA GLN B 157 5.05 26.17 20.06
C GLN B 157 5.87 24.95 19.66
N LYS B 158 7.19 25.05 19.74
CA LYS B 158 8.03 23.94 19.30
C LYS B 158 7.99 22.80 20.31
N ILE B 159 7.83 23.12 21.60
CA ILE B 159 7.64 22.07 22.60
C ILE B 159 6.37 21.28 22.29
N CYS B 160 5.28 21.97 21.97
CA CYS B 160 4.03 21.30 21.63
C CYS B 160 4.18 20.48 20.35
N GLU B 161 4.85 21.04 19.33
CA GLU B 161 5.04 20.33 18.07
C GLU B 161 5.88 19.07 18.25
N ASP B 162 6.82 19.06 19.21
CA ASP B 162 7.67 17.89 19.41
C ASP B 162 7.00 16.81 20.24
N SER B 163 6.15 17.18 21.20
CA SER B 163 5.82 16.31 22.32
C SER B 163 4.32 16.30 22.61
N ALA B 164 3.50 16.22 21.56
CA ALA B 164 2.05 16.27 21.76
C ALA B 164 1.55 15.10 22.60
N GLU B 165 1.76 13.87 22.10
CA GLU B 165 1.28 12.69 22.80
C GLU B 165 2.00 12.41 24.11
N ILE B 166 3.01 13.20 24.46
CA ILE B 166 3.62 13.12 25.79
C ILE B 166 2.79 13.90 26.79
N LEU B 167 2.46 15.15 26.44
CA LEU B 167 1.69 16.00 27.33
C LEU B 167 0.26 15.49 27.48
N ASP B 168 -0.26 14.80 26.45
CA ASP B 168 -1.57 14.16 26.56
C ASP B 168 -1.58 13.06 27.61
N SER B 169 -0.47 12.36 27.78
CA SER B 169 -0.40 11.23 28.69
C SER B 169 -0.21 11.72 30.14
N ASP B 170 -0.54 10.82 31.08
CA ASP B 170 -0.45 11.09 32.51
C ASP B 170 0.99 11.10 33.05
N VAL B 171 2.00 11.11 32.19
CA VAL B 171 3.38 10.99 32.65
C VAL B 171 3.91 12.26 33.31
N LEU B 172 3.23 13.41 33.14
CA LEU B 172 3.69 14.66 33.72
C LEU B 172 2.54 15.37 34.43
N ASP B 173 1.57 14.60 34.94
CA ASP B 173 0.37 15.14 35.57
C ASP B 173 -0.35 16.14 34.67
N ARG B 174 -0.20 15.97 33.35
CA ARG B 174 -0.92 16.65 32.29
C ARG B 174 -1.05 18.15 32.56
N PRO B 175 0.01 18.93 32.36
CA PRO B 175 -0.09 20.39 32.56
C PRO B 175 -0.88 21.08 31.46
N LEU B 176 -1.32 20.36 30.44
CA LEU B 176 -2.18 20.90 29.40
C LEU B 176 -3.40 21.61 29.97
N ASN B 177 -3.83 21.24 31.17
CA ASN B 177 -5.11 21.65 31.70
C ASN B 177 -5.11 23.11 32.13
N ILE B 178 -3.93 23.71 32.28
CA ILE B 178 -3.81 25.16 32.41
C ILE B 178 -3.38 25.79 31.09
N MET B 179 -2.56 25.08 30.31
CA MET B 179 -2.01 25.66 29.09
C MET B 179 -3.10 25.99 28.07
N ILE B 180 -4.04 25.07 27.86
CA ILE B 180 -5.06 25.25 26.83
C ILE B 180 -5.88 26.51 27.09
N PRO B 181 -6.49 26.72 28.27
CA PRO B 181 -7.19 28.00 28.49
C PRO B 181 -6.25 29.19 28.50
N LYS B 182 -5.05 29.01 29.08
CA LYS B 182 -4.06 30.08 29.08
C LYS B 182 -3.72 30.50 27.66
N PHE B 183 -3.49 29.54 26.76
CA PHE B 183 -3.36 29.87 25.34
C PHE B 183 -4.59 30.61 24.84
N LEU B 184 -5.76 30.02 25.03
CA LEU B 184 -6.99 30.53 24.43
C LEU B 184 -7.21 32.00 24.73
N GLN B 185 -6.76 32.47 25.90
CA GLN B 185 -6.86 33.89 26.17
C GLN B 185 -6.12 34.74 25.13
N PHE B 186 -5.02 34.24 24.58
CA PHE B 186 -4.15 35.04 23.72
C PHE B 186 -4.58 35.06 22.25
N PHE B 187 -5.68 34.41 21.90
CA PHE B 187 -6.25 34.61 20.56
C PHE B 187 -6.68 36.06 20.37
N LYS B 188 -6.96 36.76 21.47
CA LYS B 188 -7.43 38.13 21.46
C LYS B 188 -6.29 39.13 21.28
N HIS B 189 -5.05 38.70 21.36
CA HIS B 189 -3.95 39.62 21.64
C HIS B 189 -3.68 40.53 20.45
N SER B 190 -3.09 41.70 20.76
CA SER B 190 -2.92 42.76 19.78
C SER B 190 -1.89 42.39 18.71
N SER B 191 -0.92 41.51 19.04
CA SER B 191 0.18 41.23 18.13
C SER B 191 -0.13 40.01 17.28
N PRO B 192 0.01 40.10 15.95
CA PRO B 192 -0.32 38.94 15.11
C PRO B 192 0.60 37.77 15.33
N LYS B 193 1.87 38.02 15.65
CA LYS B 193 2.80 36.92 15.92
C LYS B 193 2.37 36.14 17.15
N ILE B 194 1.89 36.85 18.18
CA ILE B 194 1.41 36.20 19.40
C ILE B 194 0.19 35.34 19.09
N ARG B 195 -0.78 35.89 18.35
CA ARG B 195 -1.97 35.14 17.97
C ARG B 195 -1.60 33.90 17.20
N SER B 196 -0.62 34.02 16.29
CA SER B 196 -0.16 32.90 15.50
C SER B 196 0.43 31.81 16.39
N HIS B 197 1.34 32.18 17.30
CA HIS B 197 1.90 31.20 18.22
C HIS B 197 0.81 30.52 19.04
N ALA B 198 -0.19 31.29 19.49
CA ALA B 198 -1.24 30.70 20.33
C ALA B 198 -2.01 29.62 19.58
N VAL B 199 -2.53 29.97 18.40
CA VAL B 199 -3.30 28.98 17.68
C VAL B 199 -2.41 27.84 17.20
N ALA B 200 -1.12 28.11 16.94
CA ALA B 200 -0.21 27.05 16.53
C ALA B 200 0.03 26.05 17.64
N CYS B 201 0.15 26.54 18.88
CA CYS B 201 0.24 25.64 20.03
C CYS B 201 -1.03 24.80 20.15
N VAL B 202 -2.20 25.47 20.17
CA VAL B 202 -3.45 24.75 20.41
C VAL B 202 -3.72 23.72 19.32
N ASN B 203 -3.21 23.96 18.10
CA ASN B 203 -3.53 23.06 16.99
C ASN B 203 -3.01 21.65 17.22
N GLN B 204 -1.87 21.52 17.91
CA GLN B 204 -1.17 20.23 18.00
C GLN B 204 -1.99 19.16 18.70
N PHE B 205 -3.01 19.56 19.47
CA PHE B 205 -3.71 18.63 20.34
C PHE B 205 -5.09 18.25 19.81
N ILE B 206 -5.50 18.81 18.67
CA ILE B 206 -6.85 18.58 18.16
C ILE B 206 -7.03 17.12 17.78
N ILE B 207 -6.12 16.60 16.95
CA ILE B 207 -6.26 15.24 16.44
C ILE B 207 -6.13 14.23 17.58
N SER B 208 -5.26 14.50 18.55
CA SER B 208 -5.19 13.67 19.74
C SER B 208 -6.48 13.71 20.54
N ARG B 209 -7.42 14.59 20.18
CA ARG B 209 -8.67 14.85 20.89
C ARG B 209 -8.45 14.81 22.40
N THR B 210 -7.39 15.50 22.83
CA THR B 210 -7.11 15.64 24.25
C THR B 210 -8.29 16.30 24.95
N GLN B 211 -8.63 15.78 26.13
CA GLN B 211 -9.86 16.18 26.80
C GLN B 211 -9.83 17.66 27.18
N ALA B 212 -8.66 18.18 27.55
CA ALA B 212 -8.51 19.56 27.97
C ALA B 212 -8.99 20.57 26.93
N LEU B 213 -9.01 20.19 25.65
CA LEU B 213 -9.52 21.04 24.59
C LEU B 213 -10.94 20.69 24.22
N MET B 214 -11.29 19.40 24.21
CA MET B 214 -12.66 18.99 23.90
C MET B 214 -13.64 19.65 24.86
N LEU B 215 -13.23 19.87 26.11
CA LEU B 215 -14.14 20.50 27.05
C LEU B 215 -14.20 22.03 26.92
N HIS B 216 -13.46 22.61 25.95
CA HIS B 216 -13.57 24.03 25.65
C HIS B 216 -13.77 24.29 24.16
N ILE B 217 -14.08 23.24 23.40
CA ILE B 217 -14.33 23.28 21.96
C ILE B 217 -15.12 24.52 21.52
N ASP B 218 -16.11 24.94 22.31
CA ASP B 218 -16.94 26.07 21.91
C ASP B 218 -16.17 27.40 21.98
N SER B 219 -15.48 27.62 23.10
CA SER B 219 -14.59 28.79 23.21
C SER B 219 -13.58 28.80 22.07
N PHE B 220 -13.02 27.62 21.75
CA PHE B 220 -12.03 27.53 20.68
C PHE B 220 -12.64 27.92 19.34
N ILE B 221 -13.80 27.37 19.00
CA ILE B 221 -14.47 27.66 17.74
C ILE B 221 -14.82 29.13 17.65
N GLU B 222 -15.27 29.72 18.76
CA GLU B 222 -15.61 31.13 18.78
C GLU B 222 -14.38 32.00 18.49
N ASN B 223 -13.25 31.67 19.11
CA ASN B 223 -12.04 32.43 18.85
C ASN B 223 -11.56 32.26 17.41
N LEU B 224 -11.76 31.07 16.83
CA LEU B 224 -11.47 30.87 15.41
C LEU B 224 -12.32 31.79 14.53
N PHE B 225 -13.63 31.81 14.78
CA PHE B 225 -14.49 32.68 13.99
C PHE B 225 -14.09 34.15 14.15
N ALA B 226 -13.68 34.54 15.36
CA ALA B 226 -13.21 35.91 15.55
C ALA B 226 -11.96 36.18 14.73
N LEU B 227 -11.05 35.21 14.65
CA LEU B 227 -9.81 35.41 13.91
C LEU B 227 -10.02 35.33 12.40
N ALA B 228 -11.16 34.77 11.96
CA ALA B 228 -11.38 34.55 10.53
C ALA B 228 -11.11 35.82 9.72
N GLY B 229 -11.43 36.99 10.26
CA GLY B 229 -11.28 38.23 9.52
C GLY B 229 -9.92 38.88 9.56
N ASP B 230 -8.91 38.17 10.08
CA ASP B 230 -7.58 38.73 10.21
C ASP B 230 -6.88 38.66 8.86
N GLU B 231 -6.50 39.83 8.32
CA GLU B 231 -5.80 39.88 7.03
C GLU B 231 -4.31 39.64 7.15
N GLU B 232 -3.84 39.14 8.30
CA GLU B 232 -2.48 38.61 8.44
C GLU B 232 -2.40 37.19 7.87
N PRO B 233 -1.44 36.91 6.99
CA PRO B 233 -1.40 35.57 6.37
C PRO B 233 -1.10 34.44 7.34
N GLU B 234 -0.18 34.65 8.29
CA GLU B 234 0.19 33.58 9.22
C GLU B 234 -1.02 33.12 10.02
N VAL B 235 -1.84 34.08 10.47
CA VAL B 235 -3.05 33.75 11.23
C VAL B 235 -4.00 32.91 10.39
N ARG B 236 -4.18 33.28 9.12
CA ARG B 236 -5.10 32.54 8.27
C ARG B 236 -4.56 31.15 7.97
N LYS B 237 -3.24 31.02 7.82
CA LYS B 237 -2.61 29.71 7.67
C LYS B 237 -2.95 28.80 8.85
N ASN B 238 -2.68 29.27 10.06
CA ASN B 238 -2.92 28.43 11.23
C ASN B 238 -4.41 28.16 11.44
N VAL B 239 -5.26 29.13 11.12
CA VAL B 239 -6.71 28.92 11.25
C VAL B 239 -7.18 27.88 10.24
N CYS B 240 -6.59 27.87 9.05
CA CYS B 240 -6.93 26.85 8.07
C CYS B 240 -6.52 25.46 8.56
N ARG B 241 -5.31 25.34 9.12
CA ARG B 241 -4.91 24.05 9.68
C ARG B 241 -5.88 23.62 10.78
N ALA B 242 -6.27 24.55 11.65
CA ALA B 242 -7.19 24.23 12.73
C ALA B 242 -8.52 23.74 12.18
N LEU B 243 -9.06 24.44 11.18
CA LEU B 243 -10.35 24.06 10.62
C LEU B 243 -10.26 22.74 9.87
N VAL B 244 -9.14 22.49 9.21
CA VAL B 244 -8.92 21.19 8.57
C VAL B 244 -9.00 20.06 9.59
N MET B 245 -8.28 20.22 10.71
CA MET B 245 -8.28 19.17 11.73
C MET B 245 -9.66 19.00 12.36
N LEU B 246 -10.44 20.08 12.45
CA LEU B 246 -11.76 19.99 13.10
C LEU B 246 -12.71 19.17 12.25
N LEU B 247 -12.56 19.21 10.93
CA LEU B 247 -13.42 18.41 10.05
C LEU B 247 -13.34 16.93 10.41
N GLU B 248 -12.16 16.48 10.85
CA GLU B 248 -11.98 15.08 11.18
C GLU B 248 -12.56 14.74 12.54
N VAL B 249 -12.32 15.61 13.53
CA VAL B 249 -12.64 15.28 14.92
C VAL B 249 -14.05 15.72 15.28
N ARG B 250 -14.28 17.03 15.32
CA ARG B 250 -15.56 17.54 15.77
C ARG B 250 -16.39 18.10 14.61
N MET B 251 -16.61 17.27 13.58
CA MET B 251 -17.54 17.63 12.52
C MET B 251 -18.89 18.05 13.08
N ASP B 252 -19.35 17.34 14.12
CA ASP B 252 -20.67 17.61 14.70
C ASP B 252 -20.80 19.03 15.20
N ARG B 253 -19.79 19.52 15.94
CA ARG B 253 -19.86 20.86 16.50
C ARG B 253 -19.66 21.93 15.43
N LEU B 254 -19.05 21.59 14.30
CA LEU B 254 -18.78 22.58 13.26
C LEU B 254 -19.92 22.67 12.24
N LEU B 255 -20.73 21.63 12.14
CA LEU B 255 -21.76 21.53 11.10
C LEU B 255 -22.68 22.75 11.00
N PRO B 256 -23.27 23.26 12.09
CA PRO B 256 -24.24 24.36 11.94
C PRO B 256 -23.66 25.58 11.26
N HIS B 257 -22.35 25.76 11.31
CA HIS B 257 -21.69 26.95 10.78
C HIS B 257 -21.11 26.75 9.39
N MET B 258 -21.36 25.58 8.78
CA MET B 258 -20.51 25.09 7.70
C MET B 258 -20.51 26.03 6.50
N HIS B 259 -21.65 26.62 6.17
CA HIS B 259 -21.74 27.43 4.95
C HIS B 259 -20.84 28.65 5.03
N ASN B 260 -20.83 29.33 6.18
CA ASN B 260 -19.90 30.43 6.39
C ASN B 260 -18.46 29.95 6.28
N ILE B 261 -18.17 28.77 6.86
CA ILE B 261 -16.83 28.21 6.81
C ILE B 261 -16.37 28.02 5.37
N VAL B 262 -17.24 27.46 4.53
CA VAL B 262 -16.80 27.12 3.18
C VAL B 262 -16.73 28.36 2.30
N GLU B 263 -17.56 29.38 2.56
CA GLU B 263 -17.38 30.64 1.85
C GLU B 263 -16.03 31.26 2.18
N TYR B 264 -15.70 31.29 3.48
CA TYR B 264 -14.38 31.76 3.90
C TYR B 264 -13.27 30.95 3.24
N MET B 265 -13.44 29.62 3.19
CA MET B 265 -12.36 28.77 2.70
C MET B 265 -12.24 28.82 1.19
N LEU B 266 -13.33 29.13 0.49
CA LEU B 266 -13.22 29.40 -0.94
C LEU B 266 -12.44 30.68 -1.18
N GLN B 267 -12.77 31.74 -0.44
CA GLN B 267 -11.98 32.96 -0.55
C GLN B 267 -10.51 32.72 -0.14
N ARG B 268 -10.28 31.72 0.71
CA ARG B 268 -8.93 31.42 1.19
C ARG B 268 -8.14 30.54 0.23
N THR B 269 -8.82 29.68 -0.53
CA THR B 269 -8.11 28.87 -1.53
C THR B 269 -7.64 29.73 -2.69
N GLN B 270 -8.40 30.77 -3.03
CA GLN B 270 -7.99 31.73 -4.04
C GLN B 270 -6.91 32.68 -3.54
N ASP B 271 -6.54 32.58 -2.26
CA ASP B 271 -5.66 33.57 -1.66
C ASP B 271 -4.32 33.60 -2.39
N GLN B 272 -3.74 34.78 -2.45
CA GLN B 272 -2.52 35.09 -3.20
C GLN B 272 -1.25 34.48 -2.60
N ASP B 273 -1.35 33.66 -1.55
CA ASP B 273 -0.19 32.98 -0.97
C ASP B 273 -0.36 31.48 -1.18
N GLU B 274 0.73 30.80 -1.58
CA GLU B 274 0.63 29.39 -1.94
C GLU B 274 0.33 28.52 -0.72
N ASN B 275 1.00 28.79 0.40
CA ASN B 275 0.84 27.95 1.59
C ASN B 275 -0.58 28.07 2.15
N VAL B 276 -1.06 29.31 2.30
CA VAL B 276 -2.44 29.54 2.71
C VAL B 276 -3.39 28.78 1.79
N ALA B 277 -3.18 28.90 0.48
CA ALA B 277 -4.04 28.22 -0.48
C ALA B 277 -3.95 26.71 -0.32
N LEU B 278 -2.74 26.18 -0.08
CA LEU B 278 -2.59 24.74 0.06
C LEU B 278 -3.37 24.21 1.26
N GLU B 279 -3.32 24.91 2.39
CA GLU B 279 -4.09 24.48 3.53
C GLU B 279 -5.58 24.59 3.26
N ALA B 280 -6.01 25.68 2.62
CA ALA B 280 -7.42 25.85 2.31
C ALA B 280 -7.91 24.75 1.36
N CYS B 281 -7.01 24.17 0.57
CA CYS B 281 -7.40 23.08 -0.33
C CYS B 281 -7.40 21.74 0.40
N GLU B 282 -6.42 21.53 1.28
CA GLU B 282 -6.48 20.39 2.21
C GLU B 282 -7.83 20.34 2.89
N PHE B 283 -8.42 21.50 3.15
CA PHE B 283 -9.78 21.56 3.68
C PHE B 283 -10.75 20.80 2.79
N TRP B 284 -10.74 21.08 1.48
CA TRP B 284 -11.68 20.42 0.58
C TRP B 284 -11.42 18.92 0.51
N LEU B 285 -10.14 18.54 0.45
CA LEU B 285 -9.81 17.12 0.42
C LEU B 285 -10.39 16.42 1.64
N THR B 286 -10.14 16.97 2.83
CA THR B 286 -10.59 16.33 4.06
C THR B 286 -12.10 16.34 4.18
N LEU B 287 -12.78 17.37 3.64
CA LEU B 287 -14.23 17.42 3.75
C LEU B 287 -14.88 16.41 2.82
N ALA B 288 -14.38 16.30 1.59
CA ALA B 288 -15.00 15.41 0.61
C ALA B 288 -15.00 13.95 1.05
N GLU B 289 -14.12 13.59 1.99
CA GLU B 289 -14.09 12.23 2.51
C GLU B 289 -15.27 11.97 3.44
N GLN B 290 -15.85 13.02 4.06
CA GLN B 290 -16.87 12.91 5.09
C GLN B 290 -18.21 12.51 4.50
N PRO B 291 -19.00 11.72 5.23
CA PRO B 291 -20.28 11.24 4.65
C PRO B 291 -21.34 12.33 4.54
N ILE B 292 -21.25 13.40 5.32
CA ILE B 292 -22.25 14.45 5.25
C ILE B 292 -22.04 15.36 4.04
N CYS B 293 -20.87 15.26 3.40
CA CYS B 293 -20.45 16.24 2.40
C CYS B 293 -21.46 16.41 1.26
N LYS B 294 -22.04 15.30 0.79
CA LYS B 294 -22.77 15.33 -0.48
C LYS B 294 -23.86 16.39 -0.49
N ASP B 295 -24.55 16.57 0.64
CA ASP B 295 -25.58 17.60 0.75
C ASP B 295 -25.04 18.95 1.19
N VAL B 296 -23.79 19.01 1.65
CA VAL B 296 -23.25 20.26 2.16
C VAL B 296 -22.87 21.19 1.02
N LEU B 297 -22.00 20.71 0.12
CA LEU B 297 -21.36 21.57 -0.85
C LEU B 297 -22.24 21.93 -2.04
N VAL B 298 -23.48 21.41 -2.09
CA VAL B 298 -24.30 21.53 -3.31
C VAL B 298 -24.38 22.97 -3.81
N ARG B 299 -24.63 23.91 -2.91
CA ARG B 299 -24.81 25.29 -3.32
C ARG B 299 -23.50 26.04 -3.51
N HIS B 300 -22.36 25.35 -3.37
CA HIS B 300 -21.05 25.97 -3.54
C HIS B 300 -20.21 25.33 -4.63
N LEU B 301 -20.53 24.10 -5.04
CA LEU B 301 -19.83 23.43 -6.15
C LEU B 301 -19.59 24.32 -7.36
N PRO B 302 -20.56 25.09 -7.85
CA PRO B 302 -20.28 25.97 -9.01
C PRO B 302 -19.18 26.99 -8.77
N LYS B 303 -18.98 27.40 -7.53
CA LYS B 303 -17.90 28.32 -7.20
C LYS B 303 -16.63 27.60 -6.79
N LEU B 304 -16.74 26.34 -6.32
CA LEU B 304 -15.59 25.58 -5.89
C LEU B 304 -14.84 24.97 -7.06
N ILE B 305 -15.58 24.35 -7.98
CA ILE B 305 -14.95 23.55 -9.04
C ILE B 305 -13.97 24.39 -9.87
N PRO B 306 -14.32 25.60 -10.34
CA PRO B 306 -13.33 26.39 -11.07
C PRO B 306 -12.08 26.71 -10.27
N VAL B 307 -12.21 26.88 -8.95
CA VAL B 307 -11.03 27.14 -8.13
C VAL B 307 -10.09 25.95 -8.15
N LEU B 308 -10.64 24.74 -7.99
CA LEU B 308 -9.81 23.54 -8.07
C LEU B 308 -9.19 23.39 -9.45
N VAL B 309 -9.97 23.64 -10.50
CA VAL B 309 -9.46 23.51 -11.86
C VAL B 309 -8.29 24.47 -12.09
N ASN B 310 -8.47 25.73 -11.68
CA ASN B 310 -7.39 26.71 -11.81
C ASN B 310 -6.18 26.30 -10.99
N GLY B 311 -6.41 25.68 -9.82
CA GLY B 311 -5.29 25.19 -9.04
C GLY B 311 -4.57 24.02 -9.68
N MET B 312 -5.25 23.29 -10.56
CA MET B 312 -4.63 22.12 -11.17
C MET B 312 -3.66 22.48 -12.30
N LYS B 313 -3.64 23.75 -12.72
CA LYS B 313 -2.57 24.21 -13.60
C LYS B 313 -1.25 24.13 -12.84
N TYR B 314 -0.15 24.03 -13.58
CA TYR B 314 1.13 24.18 -12.92
C TYR B 314 1.39 25.63 -12.56
N SER B 315 2.25 25.83 -11.58
CA SER B 315 2.82 27.15 -11.39
C SER B 315 3.98 27.33 -12.36
N ASP B 316 4.31 28.60 -12.63
CA ASP B 316 5.50 28.88 -13.43
C ASP B 316 6.74 28.26 -12.79
N ILE B 317 6.73 28.13 -11.46
CA ILE B 317 7.88 27.59 -10.75
C ILE B 317 8.06 26.10 -11.03
N ASP B 318 6.94 25.38 -11.14
CA ASP B 318 7.01 23.97 -11.52
C ASP B 318 7.40 23.82 -12.98
N ILE B 319 6.96 24.74 -13.85
CA ILE B 319 7.41 24.74 -15.24
C ILE B 319 8.92 24.82 -15.31
N ILE B 320 9.51 25.78 -14.59
CA ILE B 320 10.94 25.99 -14.71
C ILE B 320 11.73 24.92 -13.96
N LEU B 321 11.18 24.39 -12.86
CA LEU B 321 11.86 23.33 -12.12
C LEU B 321 12.00 22.06 -12.96
N LEU B 322 10.99 21.74 -13.75
CA LEU B 322 10.95 20.45 -14.44
C LEU B 322 11.54 20.54 -15.85
N LYS B 323 11.29 21.63 -16.55
CA LYS B 323 11.72 21.78 -17.94
C LYS B 323 12.15 23.21 -18.25
N SER B 351 8.64 18.60 -6.20
CA SER B 351 7.90 18.66 -4.94
C SER B 351 7.06 17.42 -4.76
N ASP B 352 6.85 17.03 -3.50
CA ASP B 352 6.04 15.87 -3.21
C ASP B 352 4.56 16.19 -3.06
N TRP B 353 4.22 17.41 -2.65
CA TRP B 353 2.84 17.81 -2.41
C TRP B 353 2.65 19.27 -2.79
N ASN B 354 1.67 19.52 -3.67
CA ASN B 354 1.43 20.83 -4.25
C ASN B 354 -0.04 21.19 -4.17
N LEU B 355 -0.34 22.48 -4.37
CA LEU B 355 -1.72 22.91 -4.56
C LEU B 355 -2.35 22.17 -5.73
N ARG B 356 -1.58 21.96 -6.80
CA ARG B 356 -2.05 21.17 -7.94
C ARG B 356 -2.39 19.74 -7.51
N LYS B 357 -1.45 19.08 -6.85
CA LYS B 357 -1.67 17.70 -6.40
C LYS B 357 -2.93 17.61 -5.55
N CYS B 358 -3.05 18.50 -4.55
CA CYS B 358 -4.17 18.45 -3.62
C CYS B 358 -5.48 18.76 -4.33
N SER B 359 -5.46 19.73 -5.24
CA SER B 359 -6.67 20.06 -5.99
C SER B 359 -7.13 18.87 -6.81
N ALA B 360 -6.19 18.20 -7.47
CA ALA B 360 -6.56 17.05 -8.30
C ALA B 360 -7.10 15.90 -7.46
N ALA B 361 -6.50 15.64 -6.29
CA ALA B 361 -7.02 14.60 -5.42
C ALA B 361 -8.41 14.94 -4.91
N ALA B 362 -8.62 16.21 -4.57
CA ALA B 362 -9.94 16.65 -4.12
C ALA B 362 -10.97 16.45 -5.22
N LEU B 363 -10.61 16.80 -6.47
CA LEU B 363 -11.53 16.66 -7.58
C LEU B 363 -11.81 15.18 -7.86
N ASP B 364 -10.81 14.33 -7.70
CA ASP B 364 -11.03 12.89 -7.86
C ASP B 364 -12.04 12.38 -6.83
N VAL B 365 -11.88 12.79 -5.57
CA VAL B 365 -12.81 12.36 -4.52
C VAL B 365 -14.21 12.91 -4.79
N LEU B 366 -14.30 14.17 -5.20
CA LEU B 366 -15.60 14.76 -5.51
C LEU B 366 -16.26 14.05 -6.68
N ALA B 367 -15.46 13.63 -7.65
CA ALA B 367 -15.98 12.82 -8.74
C ALA B 367 -16.56 11.52 -8.20
N ASN B 368 -15.80 10.83 -7.34
CA ASN B 368 -16.30 9.57 -6.81
C ASN B 368 -17.51 9.76 -5.89
N VAL B 369 -17.71 10.97 -5.37
CA VAL B 369 -18.88 11.23 -4.52
C VAL B 369 -20.11 11.52 -5.37
N TYR B 370 -20.04 12.54 -6.23
CA TYR B 370 -21.19 13.03 -6.97
C TYR B 370 -21.44 12.28 -8.28
N ARG B 371 -20.52 11.43 -8.73
CA ARG B 371 -20.62 10.71 -9.99
C ARG B 371 -21.01 11.63 -11.14
N ASP B 372 -21.99 11.21 -11.95
CA ASP B 372 -22.33 11.97 -13.14
C ASP B 372 -22.80 13.37 -12.80
N GLU B 373 -23.27 13.58 -11.56
CA GLU B 373 -23.92 14.83 -11.20
C GLU B 373 -22.97 16.02 -11.26
N LEU B 374 -21.66 15.76 -11.31
CA LEU B 374 -20.67 16.83 -11.34
C LEU B 374 -20.51 17.44 -12.73
N LEU B 375 -20.96 16.74 -13.78
CA LEU B 375 -20.53 17.07 -15.13
C LEU B 375 -20.92 18.47 -15.61
N PRO B 376 -22.14 18.97 -15.39
CA PRO B 376 -22.48 20.29 -15.98
C PRO B 376 -21.60 21.44 -15.52
N HIS B 377 -20.94 21.33 -14.36
CA HIS B 377 -20.10 22.40 -13.85
C HIS B 377 -18.69 22.33 -14.41
N ILE B 378 -18.30 21.23 -15.04
CA ILE B 378 -16.91 20.95 -15.36
C ILE B 378 -16.69 20.76 -16.86
N LEU B 379 -17.62 20.09 -17.55
CA LEU B 379 -17.52 19.91 -19.00
C LEU B 379 -17.27 21.20 -19.77
N PRO B 380 -17.93 22.34 -19.46
CA PRO B 380 -17.69 23.54 -20.27
C PRO B 380 -16.28 24.11 -20.12
N LEU B 381 -15.65 23.93 -18.95
CA LEU B 381 -14.23 24.27 -18.82
C LEU B 381 -13.39 23.33 -19.67
N LEU B 382 -13.73 22.04 -19.68
CA LEU B 382 -12.99 21.05 -20.44
C LEU B 382 -12.97 21.40 -21.92
N LYS B 383 -14.15 21.56 -22.53
CA LYS B 383 -14.23 21.84 -23.96
C LYS B 383 -13.67 23.20 -24.33
N GLU B 384 -13.16 23.96 -23.37
CA GLU B 384 -12.32 25.12 -23.60
C GLU B 384 -10.85 24.84 -23.34
N LEU B 385 -10.56 24.15 -22.24
CA LEU B 385 -9.18 23.90 -21.83
C LEU B 385 -8.47 23.00 -22.83
N LEU B 386 -9.18 21.96 -23.30
CA LEU B 386 -8.54 20.89 -24.06
C LEU B 386 -8.04 21.34 -25.42
N PHE B 387 -8.52 22.48 -25.93
CA PHE B 387 -8.17 22.96 -27.26
C PHE B 387 -7.41 24.28 -27.21
N HIS B 388 -6.88 24.63 -26.05
CA HIS B 388 -6.20 25.90 -25.87
C HIS B 388 -4.77 25.83 -26.42
N HIS B 389 -4.28 26.98 -26.90
CA HIS B 389 -2.94 27.04 -27.47
C HIS B 389 -1.85 27.35 -26.45
N GLU B 390 -2.21 27.89 -25.28
CA GLU B 390 -1.27 27.90 -24.15
C GLU B 390 -1.19 26.48 -23.60
N TRP B 391 -0.01 25.88 -23.71
CA TRP B 391 0.12 24.44 -23.48
C TRP B 391 -0.12 24.07 -22.02
N VAL B 392 0.15 24.96 -21.07
CA VAL B 392 -0.09 24.64 -19.68
C VAL B 392 -1.59 24.54 -19.40
N VAL B 393 -2.37 25.40 -20.06
CA VAL B 393 -3.83 25.32 -19.94
C VAL B 393 -4.33 23.98 -20.49
N LYS B 394 -3.86 23.59 -21.68
CA LYS B 394 -4.20 22.29 -22.24
C LYS B 394 -3.82 21.17 -21.28
N GLU B 395 -2.65 21.28 -20.67
CA GLU B 395 -2.20 20.29 -19.69
C GLU B 395 -3.18 20.16 -18.55
N SER B 396 -3.51 21.29 -17.91
CA SER B 396 -4.49 21.24 -16.82
C SER B 396 -5.79 20.60 -17.30
N GLY B 397 -6.13 20.81 -18.57
CA GLY B 397 -7.33 20.18 -19.11
C GLY B 397 -7.24 18.66 -19.16
N ILE B 398 -6.15 18.14 -19.74
CA ILE B 398 -5.98 16.67 -19.78
C ILE B 398 -5.98 16.10 -18.37
N LEU B 399 -5.36 16.81 -17.42
CA LEU B 399 -5.29 16.32 -16.05
C LEU B 399 -6.68 16.27 -15.42
N VAL B 400 -7.48 17.32 -15.63
CA VAL B 400 -8.86 17.32 -15.15
C VAL B 400 -9.62 16.16 -15.76
N LEU B 401 -9.40 15.92 -17.06
CA LEU B 401 -10.09 14.83 -17.75
C LEU B 401 -9.76 13.49 -17.09
N GLY B 402 -8.50 13.30 -16.70
CA GLY B 402 -8.12 12.07 -16.04
C GLY B 402 -8.64 11.96 -14.62
N ALA B 403 -8.65 13.08 -13.90
CA ALA B 403 -8.96 13.04 -12.48
C ALA B 403 -10.42 12.68 -12.23
N ILE B 404 -11.33 13.17 -13.09
CA ILE B 404 -12.75 12.89 -12.88
C ILE B 404 -13.17 11.52 -13.41
N ALA B 405 -12.22 10.76 -13.97
CA ALA B 405 -12.59 9.58 -14.74
C ALA B 405 -13.28 8.53 -13.90
N GLU B 406 -12.73 8.22 -12.72
CA GLU B 406 -13.22 7.08 -11.95
C GLU B 406 -14.67 7.28 -11.54
N GLY B 407 -15.02 8.48 -11.07
CA GLY B 407 -16.38 8.73 -10.65
C GLY B 407 -17.37 9.00 -11.77
N CYS B 408 -16.93 9.69 -12.82
CA CYS B 408 -17.82 10.23 -13.84
C CYS B 408 -17.87 9.40 -15.11
N MET B 409 -17.41 8.15 -15.07
CA MET B 409 -17.17 7.38 -16.28
C MET B 409 -18.42 7.28 -17.15
N GLN B 410 -19.53 6.88 -16.53
CA GLN B 410 -20.76 6.62 -17.25
C GLN B 410 -21.24 7.88 -17.97
N GLY B 411 -21.28 9.00 -17.26
CA GLY B 411 -21.68 10.25 -17.88
C GLY B 411 -20.67 10.80 -18.85
N MET B 412 -19.43 10.32 -18.79
CA MET B 412 -18.39 10.72 -19.74
C MET B 412 -18.47 9.97 -21.07
N ILE B 413 -19.05 8.77 -21.07
CA ILE B 413 -19.11 7.92 -22.27
C ILE B 413 -19.50 8.61 -23.59
N PRO B 414 -20.60 9.38 -23.66
CA PRO B 414 -20.98 9.96 -24.97
C PRO B 414 -20.01 10.99 -25.52
N TYR B 415 -19.03 11.44 -24.73
CA TYR B 415 -18.02 12.37 -25.24
C TYR B 415 -16.72 11.69 -25.62
N LEU B 416 -16.46 10.49 -25.10
CA LEU B 416 -15.23 9.78 -25.40
C LEU B 416 -14.96 9.58 -26.90
N PRO B 417 -15.95 9.38 -27.78
CA PRO B 417 -15.63 9.33 -29.21
C PRO B 417 -14.92 10.57 -29.74
N GLU B 418 -15.20 11.77 -29.19
CA GLU B 418 -14.38 12.93 -29.53
C GLU B 418 -13.06 12.94 -28.77
N LEU B 419 -13.11 12.65 -27.46
CA LEU B 419 -11.96 12.90 -26.60
C LEU B 419 -10.82 11.93 -26.86
N ILE B 420 -11.13 10.62 -26.90
CA ILE B 420 -10.07 9.61 -26.97
C ILE B 420 -9.16 9.83 -28.17
N PRO B 421 -9.65 10.01 -29.39
CA PRO B 421 -8.74 10.33 -30.51
C PRO B 421 -8.00 11.63 -30.34
N HIS B 422 -8.61 12.63 -29.70
CA HIS B 422 -7.90 13.87 -29.42
C HIS B 422 -6.74 13.63 -28.46
N LEU B 423 -6.95 12.77 -27.46
CA LEU B 423 -5.87 12.43 -26.54
C LEU B 423 -4.77 11.65 -27.26
N ILE B 424 -5.16 10.74 -28.15
CA ILE B 424 -4.19 10.04 -29.00
C ILE B 424 -3.33 11.06 -29.74
N GLN B 425 -3.97 12.03 -30.38
CA GLN B 425 -3.22 13.07 -31.09
C GLN B 425 -2.32 13.86 -30.14
N CYS B 426 -2.81 14.13 -28.92
CA CYS B 426 -2.00 14.87 -27.96
C CYS B 426 -0.77 14.09 -27.51
N LEU B 427 -0.78 12.77 -27.65
CA LEU B 427 0.47 12.01 -27.47
C LEU B 427 1.57 12.43 -28.45
N SER B 428 1.26 13.24 -29.46
CA SER B 428 2.25 13.75 -30.40
C SER B 428 2.71 15.16 -30.09
N ASP B 429 2.13 15.81 -29.08
CA ASP B 429 2.42 17.21 -28.80
C ASP B 429 3.89 17.38 -28.42
N LYS B 430 4.46 18.52 -28.83
CA LYS B 430 5.88 18.77 -28.67
C LYS B 430 6.28 18.89 -27.20
N LYS B 431 5.38 19.36 -26.34
CA LYS B 431 5.69 19.55 -24.93
C LYS B 431 5.54 18.23 -24.18
N ALA B 432 6.57 17.83 -23.45
CA ALA B 432 6.64 16.48 -22.92
C ALA B 432 5.58 16.23 -21.83
N LEU B 433 5.32 17.24 -20.99
CA LEU B 433 4.40 17.06 -19.87
C LEU B 433 3.01 16.70 -20.36
N VAL B 434 2.60 17.30 -21.49
CA VAL B 434 1.34 16.96 -22.12
C VAL B 434 1.30 15.47 -22.45
N ARG B 435 2.37 14.98 -23.10
CA ARG B 435 2.43 13.56 -23.45
C ARG B 435 2.30 12.68 -22.20
N SER B 436 3.00 13.05 -21.12
CA SER B 436 2.98 12.24 -19.89
C SER B 436 1.58 12.12 -19.32
N ILE B 437 0.96 13.26 -18.99
CA ILE B 437 -0.33 13.16 -18.33
C ILE B 437 -1.39 12.68 -19.30
N THR B 438 -1.18 12.82 -20.61
CA THR B 438 -2.10 12.22 -21.56
C THR B 438 -2.05 10.70 -21.50
N CYS B 439 -0.84 10.15 -21.43
CA CYS B 439 -0.71 8.72 -21.18
C CYS B 439 -1.54 8.30 -19.98
N TRP B 440 -1.38 9.02 -18.86
CA TRP B 440 -2.09 8.60 -17.65
C TRP B 440 -3.61 8.68 -17.83
N THR B 441 -4.09 9.77 -18.43
CA THR B 441 -5.54 9.93 -18.61
C THR B 441 -6.11 8.81 -19.46
N LEU B 442 -5.45 8.51 -20.58
CA LEU B 442 -5.88 7.42 -21.44
C LEU B 442 -5.94 6.12 -20.65
N SER B 443 -4.92 5.90 -19.81
CA SER B 443 -4.93 4.72 -18.96
C SER B 443 -6.16 4.69 -18.09
N ARG B 444 -6.60 5.84 -17.60
CA ARG B 444 -7.77 5.84 -16.74
C ARG B 444 -9.07 5.65 -17.51
N TYR B 445 -9.04 5.77 -18.85
CA TYR B 445 -10.22 5.44 -19.66
C TYR B 445 -10.11 4.10 -20.42
N ALA B 446 -9.05 3.34 -20.15
CA ALA B 446 -8.86 1.99 -20.69
C ALA B 446 -10.10 1.10 -20.73
N HIS B 447 -10.91 1.11 -19.66
CA HIS B 447 -12.03 0.17 -19.60
C HIS B 447 -13.02 0.42 -20.72
N TRP B 448 -13.32 1.68 -21.02
CA TRP B 448 -14.19 1.96 -22.17
C TRP B 448 -13.45 1.70 -23.47
N VAL B 449 -12.16 2.00 -23.52
CA VAL B 449 -11.43 1.79 -24.78
C VAL B 449 -11.47 0.33 -25.21
N VAL B 450 -11.36 -0.60 -24.24
CA VAL B 450 -11.34 -2.02 -24.62
C VAL B 450 -12.73 -2.57 -24.90
N SER B 451 -13.78 -1.85 -24.50
CA SER B 451 -15.13 -2.33 -24.83
C SER B 451 -15.45 -2.12 -26.31
N GLN B 452 -14.84 -1.10 -26.94
CA GLN B 452 -15.02 -0.81 -28.36
C GLN B 452 -14.14 -1.74 -29.20
N PRO B 453 -14.53 -2.02 -30.44
CA PRO B 453 -13.76 -2.96 -31.26
C PRO B 453 -12.38 -2.45 -31.54
N PRO B 454 -11.39 -3.34 -31.72
CA PRO B 454 -9.98 -2.93 -31.66
C PRO B 454 -9.58 -1.84 -32.65
N ASP B 455 -10.05 -1.88 -33.90
CA ASP B 455 -9.59 -0.90 -34.88
C ASP B 455 -10.07 0.51 -34.57
N THR B 456 -11.17 0.68 -33.83
CA THR B 456 -11.73 2.00 -33.61
C THR B 456 -10.80 2.87 -32.76
N TYR B 457 -10.52 2.43 -31.52
CA TYR B 457 -9.70 3.20 -30.59
C TYR B 457 -8.49 2.44 -30.07
N LEU B 458 -8.56 1.10 -29.94
CA LEU B 458 -7.54 0.38 -29.20
C LEU B 458 -6.24 0.28 -29.99
N LYS B 459 -6.31 -0.14 -31.26
CA LYS B 459 -5.09 -0.22 -32.07
C LYS B 459 -4.40 1.13 -32.23
N PRO B 460 -5.09 2.26 -32.53
CA PRO B 460 -4.39 3.55 -32.59
C PRO B 460 -3.71 3.92 -31.27
N LEU B 461 -4.48 3.82 -30.18
CA LEU B 461 -3.95 4.09 -28.85
C LEU B 461 -2.68 3.29 -28.59
N MET B 462 -2.73 1.99 -28.86
CA MET B 462 -1.59 1.12 -28.56
C MET B 462 -0.39 1.46 -29.43
N THR B 463 -0.61 1.75 -30.71
CA THR B 463 0.50 2.13 -31.58
C THR B 463 1.21 3.36 -31.04
N GLU B 464 0.46 4.45 -30.81
CA GLU B 464 1.08 5.68 -30.33
C GLU B 464 1.70 5.51 -28.94
N LEU B 465 1.08 4.68 -28.10
CA LEU B 465 1.54 4.54 -26.72
C LEU B 465 2.82 3.73 -26.65
N LEU B 466 2.90 2.64 -27.42
CA LEU B 466 4.17 1.93 -27.57
C LEU B 466 5.24 2.87 -28.13
N LYS B 467 4.87 3.71 -29.10
CA LYS B 467 5.85 4.66 -29.64
C LYS B 467 6.41 5.57 -28.54
N ARG B 468 5.54 6.13 -27.70
CA ARG B 468 6.03 7.01 -26.64
C ARG B 468 6.64 6.26 -25.46
N ILE B 469 6.50 4.94 -25.38
CA ILE B 469 7.31 4.19 -24.42
C ILE B 469 8.80 4.40 -24.71
N LEU B 470 9.13 4.64 -25.97
CA LEU B 470 10.51 4.90 -26.39
C LEU B 470 10.81 6.39 -26.51
N ASP B 471 10.01 7.23 -25.85
CA ASP B 471 10.21 8.67 -25.93
C ASP B 471 11.56 9.05 -25.29
N SER B 472 12.03 10.26 -25.63
CA SER B 472 13.36 10.69 -25.21
C SER B 472 13.39 11.26 -23.80
N ASN B 473 12.24 11.56 -23.21
CA ASN B 473 12.15 12.21 -21.90
C ASN B 473 11.66 11.19 -20.89
N LYS B 474 12.41 11.04 -19.78
CA LYS B 474 12.15 9.94 -18.85
C LYS B 474 10.76 10.05 -18.22
N ARG B 475 10.26 11.28 -18.02
CA ARG B 475 8.90 11.46 -17.54
C ARG B 475 7.90 10.77 -18.47
N VAL B 476 8.07 10.97 -19.78
CA VAL B 476 7.14 10.36 -20.73
C VAL B 476 7.32 8.85 -20.74
N GLN B 477 8.56 8.37 -20.61
CA GLN B 477 8.78 6.93 -20.54
C GLN B 477 8.02 6.33 -19.37
N GLU B 478 8.17 6.94 -18.19
CA GLU B 478 7.50 6.45 -16.99
C GLU B 478 5.98 6.45 -17.16
N ALA B 479 5.42 7.61 -17.55
CA ALA B 479 3.96 7.71 -17.67
C ALA B 479 3.42 6.77 -18.73
N ALA B 480 4.10 6.68 -19.88
CA ALA B 480 3.63 5.83 -20.96
C ALA B 480 3.69 4.36 -20.59
N CYS B 481 4.77 3.93 -19.92
CA CYS B 481 4.87 2.52 -19.57
C CYS B 481 3.87 2.16 -18.47
N SER B 482 3.66 3.06 -17.51
CA SER B 482 2.65 2.81 -16.49
C SER B 482 1.26 2.71 -17.12
N ALA B 483 0.92 3.67 -17.97
CA ALA B 483 -0.36 3.66 -18.65
C ALA B 483 -0.52 2.40 -19.49
N PHE B 484 0.56 1.97 -20.16
CA PHE B 484 0.49 0.78 -20.99
C PHE B 484 0.26 -0.47 -20.16
N ALA B 485 0.91 -0.57 -19.01
CA ALA B 485 0.66 -1.71 -18.12
C ALA B 485 -0.80 -1.72 -17.66
N THR B 486 -1.28 -0.57 -17.18
CA THR B 486 -2.68 -0.45 -16.78
C THR B 486 -3.62 -0.89 -17.90
N LEU B 487 -3.29 -0.51 -19.14
CA LEU B 487 -4.08 -0.95 -20.28
C LEU B 487 -4.01 -2.46 -20.46
N GLU B 488 -2.81 -3.03 -20.32
CA GLU B 488 -2.64 -4.45 -20.58
C GLU B 488 -3.41 -5.30 -19.58
N GLU B 489 -3.63 -4.80 -18.36
CA GLU B 489 -4.48 -5.56 -17.45
C GLU B 489 -5.89 -5.74 -17.97
N GLU B 490 -6.36 -4.84 -18.84
CA GLU B 490 -7.73 -4.87 -19.32
C GLU B 490 -7.89 -5.26 -20.78
N ALA B 491 -6.82 -5.22 -21.57
CA ALA B 491 -6.92 -5.67 -22.95
C ALA B 491 -6.97 -7.19 -23.02
N CYS B 492 -6.21 -7.87 -22.16
CA CYS B 492 -6.21 -9.33 -22.02
C CYS B 492 -5.92 -9.97 -23.38
N THR B 493 -6.78 -10.85 -23.89
CA THR B 493 -6.43 -11.64 -25.06
C THR B 493 -6.30 -10.79 -26.31
N GLU B 494 -6.96 -9.62 -26.34
CA GLU B 494 -6.91 -8.74 -27.51
C GLU B 494 -5.50 -8.29 -27.88
N LEU B 495 -4.49 -8.62 -27.07
CA LEU B 495 -3.12 -8.19 -27.36
C LEU B 495 -2.39 -9.14 -28.29
N VAL B 496 -2.86 -10.38 -28.44
CA VAL B 496 -2.07 -11.42 -29.09
C VAL B 496 -1.75 -11.10 -30.56
N PRO B 497 -2.57 -10.36 -31.32
CA PRO B 497 -2.13 -10.03 -32.69
C PRO B 497 -0.94 -9.09 -32.74
N TYR B 498 -0.64 -8.40 -31.65
CA TYR B 498 0.35 -7.35 -31.64
C TYR B 498 1.64 -7.77 -30.94
N LEU B 499 1.71 -9.03 -30.50
CA LEU B 499 2.78 -9.47 -29.62
C LEU B 499 4.16 -9.18 -30.19
N ALA B 500 4.32 -9.26 -31.51
CA ALA B 500 5.62 -9.01 -32.10
C ALA B 500 6.08 -7.59 -31.83
N TYR B 501 5.25 -6.60 -32.20
CA TYR B 501 5.59 -5.20 -31.96
C TYR B 501 5.72 -4.92 -30.46
N ILE B 502 4.80 -5.47 -29.67
CA ILE B 502 4.84 -5.32 -28.22
C ILE B 502 6.20 -5.71 -27.69
N LEU B 503 6.56 -6.98 -27.88
CA LEU B 503 7.80 -7.52 -27.33
C LEU B 503 9.02 -6.84 -27.93
N ASP B 504 8.95 -6.41 -29.18
CA ASP B 504 10.08 -5.70 -29.77
C ASP B 504 10.37 -4.41 -29.00
N THR B 505 9.36 -3.54 -28.89
CA THR B 505 9.57 -2.30 -28.15
C THR B 505 9.96 -2.57 -26.70
N LEU B 506 9.35 -3.58 -26.09
CA LEU B 506 9.62 -3.85 -24.67
C LEU B 506 11.06 -4.33 -24.45
N VAL B 507 11.50 -5.35 -25.20
CA VAL B 507 12.85 -5.86 -25.02
C VAL B 507 13.87 -4.81 -25.42
N PHE B 508 13.53 -3.95 -26.37
CA PHE B 508 14.45 -2.86 -26.67
C PHE B 508 14.54 -1.87 -25.53
N ALA B 509 13.47 -1.73 -24.74
CA ALA B 509 13.49 -0.75 -23.65
C ALA B 509 14.58 -1.05 -22.62
N PHE B 510 15.00 -2.31 -22.51
CA PHE B 510 16.07 -2.67 -21.58
C PHE B 510 17.35 -1.88 -21.81
N SER B 511 17.57 -1.39 -23.03
CA SER B 511 18.82 -0.73 -23.34
C SER B 511 18.81 0.76 -23.01
N LYS B 512 17.63 1.38 -22.96
CA LYS B 512 17.53 2.82 -22.72
C LYS B 512 17.14 3.14 -21.29
N TYR B 513 16.34 2.31 -20.64
CA TYR B 513 15.86 2.59 -19.28
C TYR B 513 16.99 2.42 -18.27
N GLN B 514 17.29 3.51 -17.54
CA GLN B 514 18.43 3.54 -16.63
C GLN B 514 18.08 3.05 -15.23
N HIS B 515 17.17 3.75 -14.55
CA HIS B 515 16.87 3.46 -13.15
C HIS B 515 15.39 3.22 -13.04
N LYS B 516 14.62 4.23 -12.59
CA LYS B 516 13.22 4.04 -12.21
C LYS B 516 12.40 3.36 -13.31
N ASN B 517 12.66 3.74 -14.55
CA ASN B 517 11.82 3.27 -15.66
C ASN B 517 11.95 1.75 -15.85
N LEU B 518 13.09 1.17 -15.46
CA LEU B 518 13.31 -0.25 -15.66
C LEU B 518 12.34 -1.09 -14.82
N LEU B 519 12.03 -0.62 -13.62
CA LEU B 519 11.14 -1.35 -12.72
C LEU B 519 9.73 -1.43 -13.29
N ILE B 520 9.24 -0.31 -13.82
CA ILE B 520 7.93 -0.30 -14.47
C ILE B 520 7.95 -1.15 -15.72
N LEU B 521 9.12 -1.31 -16.35
CA LEU B 521 9.18 -2.21 -17.50
C LEU B 521 9.01 -3.66 -17.07
N TYR B 522 9.57 -4.02 -15.90
CA TYR B 522 9.27 -5.33 -15.32
C TYR B 522 7.77 -5.47 -15.06
N ASP B 523 7.15 -4.43 -14.48
CA ASP B 523 5.71 -4.50 -14.26
C ASP B 523 4.95 -4.72 -15.57
N ALA B 524 5.36 -4.01 -16.63
CA ALA B 524 4.66 -4.13 -17.92
C ALA B 524 4.84 -5.51 -18.52
N ILE B 525 6.05 -6.07 -18.43
CA ILE B 525 6.29 -7.39 -18.99
C ILE B 525 5.51 -8.45 -18.21
N GLY B 526 5.51 -8.36 -16.88
CA GLY B 526 4.73 -9.30 -16.09
C GLY B 526 3.25 -9.21 -16.36
N THR B 527 2.74 -7.99 -16.53
CA THR B 527 1.33 -7.81 -16.87
C THR B 527 1.01 -8.36 -18.25
N LEU B 528 1.91 -8.15 -19.22
CA LEU B 528 1.73 -8.74 -20.55
C LEU B 528 1.65 -10.26 -20.46
N ALA B 529 2.56 -10.85 -19.68
CA ALA B 529 2.58 -12.31 -19.54
C ALA B 529 1.29 -12.81 -18.90
N ASP B 530 0.87 -12.20 -17.79
CA ASP B 530 -0.38 -12.59 -17.15
C ASP B 530 -1.58 -12.32 -18.05
N SER B 531 -1.44 -11.36 -18.97
CA SER B 531 -2.55 -10.90 -19.78
C SER B 531 -2.79 -11.81 -20.98
N VAL B 532 -1.73 -12.43 -21.50
CA VAL B 532 -1.87 -13.31 -22.65
C VAL B 532 -1.75 -14.80 -22.29
N GLY B 533 -1.09 -15.16 -21.18
CA GLY B 533 -1.04 -16.55 -20.80
C GLY B 533 -0.20 -17.40 -21.74
N HIS B 534 -0.69 -18.60 -22.02
CA HIS B 534 0.05 -19.59 -22.80
C HIS B 534 0.27 -19.16 -24.25
N HIS B 535 -0.43 -18.12 -24.73
CA HIS B 535 -0.22 -17.65 -26.10
C HIS B 535 1.15 -17.03 -26.32
N LEU B 536 1.95 -16.87 -25.26
CA LEU B 536 3.31 -16.36 -25.38
C LEU B 536 4.33 -17.45 -25.67
N ASN B 537 3.96 -18.72 -25.44
CA ASN B 537 4.92 -19.82 -25.43
C ASN B 537 5.33 -20.20 -26.85
N LYS B 538 6.21 -19.36 -27.42
CA LYS B 538 6.76 -19.58 -28.75
C LYS B 538 8.23 -19.19 -28.74
N PRO B 539 9.10 -19.98 -29.37
CA PRO B 539 10.54 -19.83 -29.13
C PRO B 539 11.12 -18.50 -29.59
N GLU B 540 10.57 -17.87 -30.62
CA GLU B 540 11.10 -16.58 -31.07
C GLU B 540 10.89 -15.50 -30.00
N TYR B 541 9.70 -15.48 -29.39
CA TYR B 541 9.46 -14.57 -28.27
C TYR B 541 10.43 -14.83 -27.13
N ILE B 542 10.65 -16.10 -26.81
CA ILE B 542 11.57 -16.46 -25.72
C ILE B 542 12.97 -15.96 -26.02
N GLN B 543 13.42 -16.12 -27.27
CA GLN B 543 14.74 -15.63 -27.65
C GLN B 543 14.83 -14.12 -27.54
N MET B 544 13.75 -13.40 -27.86
CA MET B 544 13.76 -11.95 -27.66
C MET B 544 13.88 -11.59 -26.18
N LEU B 545 13.09 -12.26 -25.32
CA LEU B 545 12.85 -11.76 -23.98
C LEU B 545 13.81 -12.28 -22.92
N MET B 546 14.17 -13.56 -22.97
CA MET B 546 14.92 -14.16 -21.87
C MET B 546 16.38 -13.70 -21.70
N PRO B 547 17.14 -13.40 -22.74
CA PRO B 547 18.54 -12.99 -22.53
C PRO B 547 18.67 -11.76 -21.64
N PRO B 548 17.95 -10.65 -21.92
CA PRO B 548 18.12 -9.49 -21.03
C PRO B 548 17.59 -9.72 -19.62
N LEU B 549 16.46 -10.41 -19.47
CA LEU B 549 15.94 -10.71 -18.14
C LEU B 549 16.92 -11.56 -17.34
N ILE B 550 17.44 -12.61 -17.95
CA ILE B 550 18.36 -13.49 -17.24
C ILE B 550 19.67 -12.77 -16.94
N GLN B 551 20.08 -11.84 -17.82
CA GLN B 551 21.24 -10.99 -17.53
C GLN B 551 21.00 -10.16 -16.27
N LYS B 552 19.91 -9.41 -16.24
CA LYS B 552 19.58 -8.58 -15.09
C LYS B 552 19.49 -9.43 -13.82
N TRP B 553 18.86 -10.59 -13.92
CA TRP B 553 18.71 -11.50 -12.79
C TRP B 553 20.07 -11.93 -12.25
N ASN B 554 20.98 -12.32 -13.15
CA ASN B 554 22.29 -12.80 -12.71
C ASN B 554 23.11 -11.67 -12.07
N MET B 555 22.99 -10.45 -12.60
CA MET B 555 23.80 -9.36 -12.06
C MET B 555 23.15 -8.65 -10.88
N LEU B 556 21.85 -8.85 -10.65
CA LEU B 556 21.23 -8.34 -9.44
C LEU B 556 21.62 -9.21 -8.24
N LYS B 557 21.53 -8.63 -7.05
CA LYS B 557 22.05 -9.27 -5.85
C LYS B 557 20.94 -9.53 -4.84
N ASP B 558 21.24 -10.45 -3.92
CA ASP B 558 20.31 -10.83 -2.87
C ASP B 558 19.83 -9.60 -2.10
N GLU B 559 20.75 -8.71 -1.74
CA GLU B 559 20.44 -7.55 -0.94
C GLU B 559 19.90 -6.38 -1.75
N ASP B 560 19.70 -6.54 -3.05
CA ASP B 560 19.31 -5.44 -3.92
C ASP B 560 17.84 -5.09 -3.71
N LYS B 561 17.47 -3.91 -4.20
CA LYS B 561 16.10 -3.41 -4.09
C LYS B 561 15.30 -3.49 -5.39
N ASP B 562 15.95 -3.73 -6.53
CA ASP B 562 15.22 -3.77 -7.80
C ASP B 562 14.53 -5.11 -8.03
N LEU B 563 14.92 -6.18 -7.34
CA LEU B 563 14.49 -7.51 -7.78
C LEU B 563 13.11 -7.91 -7.28
N PHE B 564 12.44 -7.10 -6.47
CA PHE B 564 11.09 -7.46 -6.04
C PHE B 564 10.12 -7.43 -7.22
N PRO B 565 10.00 -6.32 -7.98
CA PRO B 565 9.17 -6.36 -9.18
C PRO B 565 9.68 -7.36 -10.20
N LEU B 566 10.98 -7.68 -10.19
CA LEU B 566 11.49 -8.65 -11.14
C LEU B 566 11.08 -10.07 -10.76
N LEU B 567 10.98 -10.36 -9.46
CA LEU B 567 10.44 -11.65 -9.03
C LEU B 567 8.98 -11.79 -9.44
N GLU B 568 8.19 -10.73 -9.24
CA GLU B 568 6.80 -10.78 -9.70
C GLU B 568 6.72 -10.96 -11.21
N CYS B 569 7.57 -10.21 -11.94
CA CYS B 569 7.71 -10.33 -13.39
C CYS B 569 7.98 -11.77 -13.82
N LEU B 570 8.98 -12.40 -13.21
CA LEU B 570 9.35 -13.74 -13.62
C LEU B 570 8.33 -14.78 -13.18
N SER B 571 7.65 -14.56 -12.06
CA SER B 571 6.52 -15.43 -11.73
C SER B 571 5.50 -15.41 -12.86
N SER B 572 5.12 -14.22 -13.31
CA SER B 572 4.20 -14.12 -14.45
C SER B 572 4.77 -14.81 -15.68
N VAL B 573 6.02 -14.51 -16.02
CA VAL B 573 6.62 -15.00 -17.26
C VAL B 573 6.69 -16.51 -17.26
N ALA B 574 7.12 -17.10 -16.14
CA ALA B 574 7.26 -18.55 -16.08
C ALA B 574 5.90 -19.23 -16.03
N THR B 575 4.93 -18.65 -15.32
CA THR B 575 3.60 -19.23 -15.31
C THR B 575 2.98 -19.20 -16.69
N ALA B 576 3.36 -18.23 -17.53
CA ALA B 576 2.81 -18.18 -18.88
C ALA B 576 3.56 -19.14 -19.82
N LEU B 577 4.89 -19.13 -19.77
CA LEU B 577 5.68 -19.94 -20.69
C LEU B 577 5.61 -21.43 -20.37
N GLN B 578 5.44 -21.77 -19.09
CA GLN B 578 5.41 -23.16 -18.62
C GLN B 578 6.63 -23.93 -19.10
N SER B 579 6.43 -24.98 -19.92
CA SER B 579 7.54 -25.85 -20.28
C SER B 579 8.59 -25.12 -21.11
N GLY B 580 8.21 -24.06 -21.83
CA GLY B 580 9.17 -23.29 -22.59
C GLY B 580 10.19 -22.55 -21.75
N PHE B 581 9.98 -22.49 -20.44
CA PHE B 581 10.88 -21.84 -19.50
C PHE B 581 12.03 -22.75 -19.06
N LEU B 582 12.02 -24.00 -19.49
CA LEU B 582 12.95 -25.01 -18.97
C LEU B 582 14.43 -24.64 -19.07
N PRO B 583 14.95 -24.07 -20.17
CA PRO B 583 16.40 -23.80 -20.23
C PRO B 583 16.87 -22.73 -19.25
N TYR B 584 15.97 -21.99 -18.61
CA TYR B 584 16.34 -20.81 -17.85
C TYR B 584 16.08 -20.93 -16.36
N CYS B 585 15.49 -22.04 -15.89
CA CYS B 585 15.00 -22.15 -14.53
C CYS B 585 16.08 -22.43 -13.50
N GLU B 586 17.31 -22.73 -13.92
CA GLU B 586 18.38 -23.07 -12.98
C GLU B 586 18.71 -21.90 -12.04
N PRO B 587 19.15 -20.74 -12.54
CA PRO B 587 19.60 -19.70 -11.60
C PRO B 587 18.47 -19.14 -10.77
N VAL B 588 17.28 -18.99 -11.35
CA VAL B 588 16.16 -18.44 -10.58
C VAL B 588 15.78 -19.39 -9.45
N TYR B 589 15.80 -20.70 -9.70
CA TYR B 589 15.49 -21.65 -8.64
C TYR B 589 16.48 -21.53 -7.50
N GLN B 590 17.78 -21.57 -7.83
CA GLN B 590 18.76 -21.52 -6.75
C GLN B 590 18.71 -20.17 -6.01
N ARG B 591 18.51 -19.08 -6.73
CA ARG B 591 18.42 -17.77 -6.10
C ARG B 591 17.23 -17.71 -5.15
N CYS B 592 16.08 -18.24 -5.57
CA CYS B 592 14.88 -18.16 -4.72
C CYS B 592 15.02 -19.02 -3.47
N VAL B 593 15.65 -20.19 -3.61
CA VAL B 593 15.95 -21.00 -2.43
C VAL B 593 16.80 -20.19 -1.45
N ASN B 594 17.80 -19.49 -1.98
CA ASN B 594 18.62 -18.61 -1.12
C ASN B 594 17.77 -17.55 -0.44
N LEU B 595 16.85 -16.91 -1.17
CA LEU B 595 16.00 -15.88 -0.56
C LEU B 595 15.18 -16.44 0.59
N VAL B 596 14.55 -17.58 0.39
CA VAL B 596 13.73 -18.15 1.46
C VAL B 596 14.59 -18.46 2.68
N GLN B 597 15.78 -19.07 2.45
CA GLN B 597 16.62 -19.44 3.58
C GLN B 597 17.13 -18.21 4.32
N LYS B 598 17.55 -17.18 3.58
CA LYS B 598 18.06 -15.97 4.19
C LYS B 598 16.97 -15.26 5.00
N THR B 599 15.75 -15.21 4.46
CA THR B 599 14.64 -14.64 5.19
C THR B 599 14.41 -15.39 6.49
N LEU B 600 14.45 -16.72 6.44
CA LEU B 600 14.18 -17.50 7.64
C LEU B 600 15.29 -17.29 8.68
N ALA B 601 16.53 -17.17 8.24
CA ALA B 601 17.63 -16.94 9.18
C ALA B 601 17.50 -15.57 9.84
N GLN B 602 17.20 -14.54 9.04
CA GLN B 602 16.97 -13.21 9.61
C GLN B 602 15.81 -13.23 10.61
N ALA B 603 14.75 -13.96 10.29
CA ALA B 603 13.59 -14.02 11.18
C ALA B 603 13.93 -14.73 12.48
N MET B 604 14.75 -15.77 12.40
CA MET B 604 15.22 -16.43 13.62
C MET B 604 16.00 -15.47 14.49
N LEU B 605 17.04 -14.86 13.92
CA LEU B 605 17.85 -13.89 14.69
C LEU B 605 16.98 -12.80 15.29
N ASN B 606 15.95 -12.36 14.56
CA ASN B 606 15.05 -11.35 15.09
C ASN B 606 14.23 -11.86 16.26
N ASN B 607 13.70 -13.08 16.15
CA ASN B 607 12.89 -13.65 17.23
C ASN B 607 13.71 -14.00 18.45
N ALA B 608 15.03 -14.14 18.31
CA ALA B 608 15.89 -14.43 19.46
C ALA B 608 16.30 -13.15 20.18
N GLN B 609 16.68 -12.11 19.44
CA GLN B 609 17.12 -10.87 20.06
C GLN B 609 17.05 -9.72 19.06
N PRO B 610 16.05 -8.83 19.19
CA PRO B 610 15.79 -7.85 18.11
C PRO B 610 16.82 -6.74 17.97
N ASP B 611 17.62 -6.46 19.00
CA ASP B 611 18.34 -5.18 19.04
C ASP B 611 19.33 -5.05 17.88
N GLN B 612 20.03 -6.13 17.53
CA GLN B 612 20.95 -6.13 16.40
C GLN B 612 20.37 -6.75 15.15
N TYR B 613 19.20 -7.39 15.23
CA TYR B 613 18.67 -8.24 14.17
C TYR B 613 17.27 -7.78 13.81
N GLU B 614 17.20 -6.78 12.94
CA GLU B 614 15.93 -6.28 12.47
C GLU B 614 15.27 -7.30 11.55
N ALA B 615 13.95 -7.41 11.67
CA ALA B 615 13.21 -8.46 10.98
C ALA B 615 13.22 -8.22 9.46
N PRO B 616 13.15 -9.29 8.67
CA PRO B 616 13.13 -9.15 7.22
C PRO B 616 11.72 -8.92 6.70
N ASP B 617 11.65 -8.28 5.54
CA ASP B 617 10.39 -8.08 4.83
C ASP B 617 10.01 -9.41 4.20
N LYS B 618 9.06 -10.11 4.83
CA LYS B 618 8.68 -11.44 4.39
C LYS B 618 8.00 -11.44 3.02
N ASP B 619 7.74 -10.28 2.43
CA ASP B 619 7.19 -10.21 1.08
C ASP B 619 8.13 -10.88 0.08
N PHE B 620 9.45 -10.71 0.27
CA PHE B 620 10.42 -11.33 -0.61
C PHE B 620 10.25 -12.85 -0.60
N MET B 621 10.18 -13.42 0.60
CA MET B 621 10.00 -14.86 0.75
C MET B 621 8.66 -15.30 0.16
N ILE B 622 7.62 -14.49 0.30
CA ILE B 622 6.31 -14.87 -0.21
C ILE B 622 6.31 -14.95 -1.73
N VAL B 623 6.88 -13.94 -2.39
CA VAL B 623 6.92 -13.99 -3.85
C VAL B 623 7.88 -15.07 -4.33
N ALA B 624 8.95 -15.36 -3.58
CA ALA B 624 9.84 -16.46 -3.94
C ALA B 624 9.11 -17.79 -3.89
N LEU B 625 8.32 -18.02 -2.82
CA LEU B 625 7.55 -19.24 -2.70
C LEU B 625 6.51 -19.36 -3.82
N ASP B 626 5.81 -18.26 -4.11
CA ASP B 626 4.81 -18.32 -5.18
C ASP B 626 5.47 -18.58 -6.54
N LEU B 627 6.67 -18.03 -6.75
CA LEU B 627 7.38 -18.26 -8.00
C LEU B 627 7.82 -19.72 -8.14
N LEU B 628 8.32 -20.30 -7.04
CA LEU B 628 8.65 -21.73 -7.09
C LEU B 628 7.41 -22.58 -7.32
N SER B 629 6.27 -22.17 -6.74
CA SER B 629 5.02 -22.87 -7.00
C SER B 629 4.69 -22.85 -8.49
N GLY B 630 4.81 -21.68 -9.12
CA GLY B 630 4.56 -21.59 -10.54
C GLY B 630 5.53 -22.41 -11.36
N LEU B 631 6.81 -22.42 -10.96
CA LEU B 631 7.81 -23.24 -11.64
C LEU B 631 7.43 -24.71 -11.61
N ALA B 632 7.08 -25.22 -10.43
CA ALA B 632 6.68 -26.61 -10.31
C ALA B 632 5.48 -26.90 -11.20
N GLU B 633 4.41 -26.11 -11.06
CA GLU B 633 3.19 -26.39 -11.80
C GLU B 633 3.40 -26.31 -13.31
N GLY B 634 4.26 -25.40 -13.78
CA GLY B 634 4.41 -25.20 -15.21
C GLY B 634 5.40 -26.15 -15.86
N LEU B 635 6.44 -26.57 -15.14
CA LEU B 635 7.48 -27.40 -15.73
C LEU B 635 7.36 -28.88 -15.36
N GLY B 636 6.59 -29.24 -14.34
CA GLY B 636 6.36 -30.65 -14.11
C GLY B 636 7.60 -31.36 -13.57
N GLY B 637 7.75 -32.62 -13.96
CA GLY B 637 8.82 -33.44 -13.44
C GLY B 637 10.21 -32.95 -13.80
N ASN B 638 10.32 -32.06 -14.77
CA ASN B 638 11.62 -31.50 -15.16
C ASN B 638 12.29 -30.73 -14.01
N ILE B 639 11.59 -30.51 -12.90
CA ILE B 639 12.15 -29.80 -11.76
C ILE B 639 12.88 -30.73 -10.79
N GLU B 640 13.00 -32.03 -11.12
CA GLU B 640 13.55 -32.99 -10.17
C GLU B 640 15.04 -32.75 -9.92
N GLN B 641 15.82 -32.45 -10.97
CA GLN B 641 17.24 -32.15 -10.82
C GLN B 641 17.51 -30.87 -10.04
N LEU B 642 16.47 -30.15 -9.63
CA LEU B 642 16.62 -29.00 -8.75
C LEU B 642 16.01 -29.22 -7.39
N VAL B 643 14.92 -29.99 -7.31
CA VAL B 643 14.32 -30.27 -6.02
C VAL B 643 15.21 -31.22 -5.22
N ALA B 644 15.88 -32.15 -5.90
CA ALA B 644 16.75 -33.10 -5.22
C ALA B 644 17.91 -32.38 -4.53
N ARG B 645 18.75 -31.70 -5.31
CA ARG B 645 19.94 -31.03 -4.80
C ARG B 645 19.66 -29.65 -4.21
N SER B 646 18.63 -29.53 -3.37
CA SER B 646 18.34 -28.31 -2.63
C SER B 646 17.52 -28.65 -1.41
N ASN B 647 17.55 -27.76 -0.42
CA ASN B 647 16.84 -27.92 0.84
C ASN B 647 15.42 -27.39 0.80
N ILE B 648 14.81 -27.32 -0.38
CA ILE B 648 13.53 -26.63 -0.53
C ILE B 648 12.47 -27.25 0.38
N LEU B 649 12.57 -28.55 0.65
CA LEU B 649 11.60 -29.18 1.53
C LEU B 649 11.84 -28.78 2.99
N THR B 650 13.10 -28.70 3.41
CA THR B 650 13.40 -28.23 4.77
C THR B 650 12.92 -26.80 4.96
N LEU B 651 13.28 -25.91 4.02
CA LEU B 651 12.84 -24.52 4.10
C LEU B 651 11.33 -24.42 4.11
N MET B 652 10.67 -25.15 3.21
CA MET B 652 9.22 -25.14 3.15
C MET B 652 8.63 -25.54 4.49
N TYR B 653 9.09 -26.67 5.05
CA TYR B 653 8.69 -27.08 6.39
C TYR B 653 8.91 -25.95 7.40
N GLN B 654 9.97 -25.17 7.20
CA GLN B 654 10.24 -24.05 8.09
C GLN B 654 9.22 -22.93 7.89
N CYS B 655 8.57 -22.90 6.73
CA CYS B 655 7.63 -21.82 6.45
C CYS B 655 6.22 -22.14 6.94
N MET B 656 5.81 -23.40 6.84
CA MET B 656 4.40 -23.77 6.98
C MET B 656 3.81 -23.40 8.35
N GLN B 657 4.62 -23.08 9.34
CA GLN B 657 4.10 -22.64 10.63
C GLN B 657 4.53 -21.21 10.97
N ASP B 658 4.94 -20.43 9.97
CA ASP B 658 5.24 -19.02 10.19
C ASP B 658 3.96 -18.28 10.55
N LYS B 659 4.07 -17.32 11.49
CA LYS B 659 2.88 -16.68 12.04
C LYS B 659 2.19 -15.74 11.06
N MET B 660 2.85 -15.35 9.98
CA MET B 660 2.20 -14.56 8.93
C MET B 660 1.44 -15.50 8.00
N PRO B 661 0.12 -15.38 7.89
CA PRO B 661 -0.64 -16.40 7.13
C PRO B 661 -0.36 -16.42 5.64
N GLU B 662 0.06 -15.29 5.05
CA GLU B 662 0.37 -15.31 3.61
C GLU B 662 1.56 -16.23 3.32
N VAL B 663 2.54 -16.27 4.21
CA VAL B 663 3.64 -17.22 4.08
C VAL B 663 3.11 -18.65 4.04
N ARG B 664 2.17 -18.96 4.94
CA ARG B 664 1.63 -20.31 5.01
C ARG B 664 0.87 -20.66 3.75
N GLN B 665 0.09 -19.70 3.24
CA GLN B 665 -0.62 -19.87 1.97
C GLN B 665 0.33 -20.21 0.84
N SER B 666 1.36 -19.38 0.65
CA SER B 666 2.33 -19.62 -0.41
C SER B 666 3.01 -20.98 -0.25
N SER B 667 3.34 -21.35 0.99
CA SER B 667 4.08 -22.59 1.22
C SER B 667 3.21 -23.81 0.93
N PHE B 668 1.92 -23.78 1.31
CA PHE B 668 1.04 -24.90 0.98
C PHE B 668 0.83 -25.01 -0.54
N ALA B 669 0.71 -23.87 -1.22
CA ALA B 669 0.63 -23.92 -2.68
C ALA B 669 1.86 -24.60 -3.27
N LEU B 670 3.05 -24.25 -2.78
CA LEU B 670 4.28 -24.88 -3.29
C LEU B 670 4.34 -26.36 -2.93
N LEU B 671 3.86 -26.73 -1.73
CA LEU B 671 3.78 -28.14 -1.37
C LEU B 671 2.94 -28.92 -2.37
N GLY B 672 1.76 -28.39 -2.69
CA GLY B 672 0.91 -29.06 -3.66
C GLY B 672 1.53 -29.15 -5.05
N ASP B 673 2.20 -28.08 -5.49
CA ASP B 673 2.80 -28.13 -6.82
C ASP B 673 3.98 -29.09 -6.88
N LEU B 674 4.77 -29.20 -5.81
CA LEU B 674 5.82 -30.22 -5.76
C LEU B 674 5.22 -31.62 -5.76
N THR B 675 4.16 -31.82 -4.96
CA THR B 675 3.43 -33.08 -4.99
C THR B 675 3.03 -33.46 -6.41
N LYS B 676 2.57 -32.47 -7.18
CA LYS B 676 2.13 -32.75 -8.53
C LYS B 676 3.31 -33.02 -9.46
N ALA B 677 4.42 -32.31 -9.27
CA ALA B 677 5.49 -32.34 -10.27
C ALA B 677 6.42 -33.54 -10.08
N CYS B 678 6.90 -33.76 -8.85
CA CYS B 678 7.94 -34.75 -8.57
C CYS B 678 7.76 -35.23 -7.12
N PHE B 679 6.75 -36.07 -6.90
CA PHE B 679 6.43 -36.51 -5.54
C PHE B 679 7.52 -37.37 -4.93
N GLN B 680 8.43 -37.92 -5.74
CA GLN B 680 9.43 -38.82 -5.19
C GLN B 680 10.34 -38.13 -4.18
N HIS B 681 10.60 -36.83 -4.38
CA HIS B 681 11.39 -36.06 -3.43
C HIS B 681 10.60 -35.70 -2.18
N VAL B 682 9.27 -35.72 -2.27
CA VAL B 682 8.43 -35.28 -1.18
C VAL B 682 8.00 -36.44 -0.28
N LYS B 683 7.94 -37.65 -0.82
CA LYS B 683 7.41 -38.80 -0.10
C LYS B 683 8.04 -39.04 1.27
N PRO B 684 9.35 -38.85 1.49
CA PRO B 684 9.88 -39.10 2.84
C PRO B 684 9.38 -38.12 3.90
N CYS B 685 9.06 -36.87 3.52
CA CYS B 685 8.69 -35.87 4.50
C CYS B 685 7.19 -35.80 4.77
N ILE B 686 6.41 -36.71 4.18
CA ILE B 686 4.96 -36.63 4.31
C ILE B 686 4.55 -36.81 5.77
N ALA B 687 5.28 -37.64 6.50
CA ALA B 687 4.95 -37.86 7.91
C ALA B 687 5.19 -36.60 8.74
N ASP B 688 6.10 -35.73 8.29
CA ASP B 688 6.29 -34.44 8.96
C ASP B 688 5.25 -33.41 8.52
N PHE B 689 4.91 -33.39 7.23
CA PHE B 689 4.00 -32.38 6.71
C PHE B 689 2.57 -32.60 7.20
N MET B 690 2.04 -33.81 7.03
CA MET B 690 0.62 -34.06 7.25
C MET B 690 0.09 -33.58 8.60
N PRO B 691 0.79 -33.77 9.74
CA PRO B 691 0.28 -33.17 10.97
C PRO B 691 0.15 -31.66 10.89
N ILE B 692 1.10 -30.99 10.22
CA ILE B 692 1.05 -29.54 10.13
C ILE B 692 -0.19 -29.09 9.36
N LEU B 693 -0.49 -29.77 8.25
CA LEU B 693 -1.74 -29.48 7.53
C LEU B 693 -2.95 -29.79 8.41
N GLY B 694 -2.85 -30.84 9.23
CA GLY B 694 -3.92 -31.13 10.17
C GLY B 694 -4.15 -30.00 11.16
N THR B 695 -3.10 -29.26 11.49
CA THR B 695 -3.25 -28.12 12.40
C THR B 695 -3.80 -26.89 11.67
N ASN B 696 -3.30 -26.61 10.48
CA ASN B 696 -3.66 -25.39 9.76
C ASN B 696 -4.90 -25.53 8.91
N LEU B 697 -5.58 -26.68 8.98
CA LEU B 697 -6.82 -26.91 8.25
C LEU B 697 -7.92 -26.14 8.99
N ASN B 698 -7.99 -24.84 8.73
CA ASN B 698 -8.74 -23.93 9.59
C ASN B 698 -9.31 -22.79 8.75
N PRO B 699 -10.65 -22.69 8.63
CA PRO B 699 -11.25 -21.77 7.65
C PRO B 699 -11.29 -20.30 8.05
N GLU B 700 -10.95 -19.95 9.28
CA GLU B 700 -10.91 -18.53 9.62
C GLU B 700 -9.81 -17.81 8.85
N PHE B 701 -8.79 -18.54 8.40
CA PHE B 701 -7.83 -18.04 7.41
C PHE B 701 -8.15 -18.66 6.05
N ILE B 702 -9.24 -18.14 5.46
CA ILE B 702 -9.80 -18.64 4.20
C ILE B 702 -8.72 -18.89 3.16
N SER B 703 -7.92 -17.84 2.88
CA SER B 703 -6.94 -17.94 1.80
C SER B 703 -5.93 -19.05 2.06
N VAL B 704 -5.54 -19.23 3.32
CA VAL B 704 -4.60 -20.30 3.66
C VAL B 704 -5.29 -21.66 3.57
N CYS B 705 -6.47 -21.76 4.20
CA CYS B 705 -7.16 -23.02 4.32
C CYS B 705 -7.47 -23.61 2.95
N ASN B 706 -7.79 -22.78 1.96
CA ASN B 706 -8.00 -23.25 0.60
C ASN B 706 -6.81 -24.08 0.10
N ASN B 707 -5.63 -23.45 0.10
CA ASN B 707 -4.46 -24.12 -0.46
C ASN B 707 -4.08 -25.35 0.35
N ALA B 708 -4.25 -25.29 1.68
CA ALA B 708 -3.93 -26.45 2.50
C ALA B 708 -4.84 -27.62 2.16
N THR B 709 -6.15 -27.37 2.12
CA THR B 709 -7.11 -28.40 1.79
C THR B 709 -6.81 -29.02 0.44
N TRP B 710 -6.40 -28.20 -0.53
CA TRP B 710 -6.09 -28.71 -1.87
C TRP B 710 -4.83 -29.57 -1.88
N ALA B 711 -3.79 -29.12 -1.16
CA ALA B 711 -2.56 -29.90 -1.06
C ALA B 711 -2.85 -31.29 -0.50
N ILE B 712 -3.77 -31.39 0.46
CA ILE B 712 -4.11 -32.72 0.99
C ILE B 712 -4.55 -33.65 -0.13
N GLY B 713 -5.36 -33.15 -1.06
CA GLY B 713 -5.88 -34.01 -2.11
C GLY B 713 -4.81 -34.45 -3.09
N GLU B 714 -4.00 -33.50 -3.58
CA GLU B 714 -2.88 -33.89 -4.44
C GLU B 714 -2.00 -34.93 -3.75
N ILE B 715 -1.72 -34.74 -2.46
CA ILE B 715 -0.87 -35.66 -1.72
C ILE B 715 -1.51 -37.04 -1.62
N SER B 716 -2.81 -37.09 -1.33
CA SER B 716 -3.46 -38.39 -1.21
C SER B 716 -3.40 -39.15 -2.52
N ILE B 717 -3.58 -38.45 -3.65
CA ILE B 717 -3.54 -39.14 -4.93
C ILE B 717 -2.13 -39.67 -5.22
N GLN B 718 -1.10 -38.89 -4.92
CA GLN B 718 0.25 -39.41 -5.16
C GLN B 718 0.62 -40.55 -4.20
N MET B 719 0.10 -40.53 -2.97
CA MET B 719 0.46 -41.56 -2.00
C MET B 719 -0.26 -42.88 -2.29
N GLY B 720 -1.55 -42.82 -2.59
CA GLY B 720 -2.30 -44.05 -2.78
C GLY B 720 -2.75 -44.63 -1.45
N ILE B 721 -2.81 -45.97 -1.41
CA ILE B 721 -3.29 -46.67 -0.22
C ILE B 721 -2.44 -46.37 1.00
N GLU B 722 -1.24 -45.83 0.81
CA GLU B 722 -0.38 -45.44 1.92
C GLU B 722 -0.98 -44.34 2.79
N MET B 723 -2.10 -43.73 2.37
CA MET B 723 -2.70 -42.61 3.09
C MET B 723 -3.50 -43.04 4.31
N GLN B 724 -3.71 -44.33 4.52
CA GLN B 724 -4.59 -44.81 5.58
C GLN B 724 -4.30 -44.22 6.96
N PRO B 725 -3.05 -44.02 7.40
CA PRO B 725 -2.84 -43.44 8.74
C PRO B 725 -3.37 -42.01 8.88
N TYR B 726 -3.23 -41.18 7.85
CA TYR B 726 -3.49 -39.75 7.97
C TYR B 726 -4.95 -39.38 7.76
N ILE B 727 -5.81 -40.34 7.44
CA ILE B 727 -7.20 -40.02 7.11
C ILE B 727 -7.94 -39.46 8.32
N PRO B 728 -7.97 -40.14 9.47
CA PRO B 728 -8.84 -39.66 10.56
C PRO B 728 -8.43 -38.31 11.12
N MET B 729 -7.14 -37.98 11.08
CA MET B 729 -6.71 -36.71 11.66
C MET B 729 -7.16 -35.51 10.84
N VAL B 730 -7.62 -35.71 9.61
CA VAL B 730 -8.09 -34.62 8.79
C VAL B 730 -9.57 -34.73 8.45
N LEU B 731 -10.16 -35.93 8.55
CA LEU B 731 -11.51 -36.13 8.03
C LEU B 731 -12.55 -35.37 8.83
N HIS B 732 -12.47 -35.43 10.16
CA HIS B 732 -13.43 -34.69 10.98
C HIS B 732 -13.41 -33.21 10.65
N GLN B 733 -12.20 -32.66 10.47
CA GLN B 733 -12.05 -31.24 10.18
C GLN B 733 -12.64 -30.90 8.81
N LEU B 734 -12.36 -31.73 7.80
CA LEU B 734 -12.94 -31.51 6.48
C LEU B 734 -14.46 -31.56 6.53
N VAL B 735 -15.01 -32.52 7.29
CA VAL B 735 -16.46 -32.65 7.40
C VAL B 735 -17.05 -31.41 8.06
N GLU B 736 -16.40 -30.88 9.09
CA GLU B 736 -16.84 -29.61 9.66
C GLU B 736 -16.78 -28.50 8.63
N ILE B 737 -15.72 -28.47 7.82
CA ILE B 737 -15.50 -27.34 6.92
C ILE B 737 -16.54 -27.29 5.82
N ILE B 738 -16.79 -28.43 5.17
CA ILE B 738 -17.70 -28.42 4.03
C ILE B 738 -19.13 -28.12 4.44
N ASN B 739 -19.48 -28.36 5.70
CA ASN B 739 -20.82 -28.03 6.21
C ASN B 739 -20.90 -26.61 6.76
N ARG B 740 -19.80 -25.86 6.73
CA ARG B 740 -19.81 -24.48 7.21
C ARG B 740 -20.67 -23.61 6.31
N PRO B 741 -21.68 -22.91 6.84
CA PRO B 741 -22.51 -22.05 5.99
C PRO B 741 -21.79 -20.75 5.64
N ASN B 742 -22.25 -20.14 4.55
CA ASN B 742 -21.76 -18.84 4.08
C ASN B 742 -20.25 -18.91 3.81
N THR B 743 -19.84 -19.96 3.11
CA THR B 743 -18.44 -20.25 2.84
C THR B 743 -18.13 -20.00 1.37
N PRO B 744 -16.99 -19.36 1.05
CA PRO B 744 -16.71 -19.02 -0.34
C PRO B 744 -16.62 -20.25 -1.24
N LYS B 745 -16.84 -20.03 -2.53
CA LYS B 745 -17.02 -21.13 -3.49
C LYS B 745 -15.73 -21.92 -3.70
N THR B 746 -14.59 -21.23 -3.76
CA THR B 746 -13.35 -21.93 -4.07
C THR B 746 -12.96 -22.90 -2.97
N LEU B 747 -13.02 -22.44 -1.71
CA LEU B 747 -12.74 -23.32 -0.58
C LEU B 747 -13.69 -24.50 -0.55
N LEU B 748 -14.97 -24.26 -0.80
CA LEU B 748 -15.95 -25.34 -0.74
C LEU B 748 -15.67 -26.37 -1.83
N GLU B 749 -15.39 -25.91 -3.06
CA GLU B 749 -15.07 -26.82 -4.14
C GLU B 749 -13.83 -27.65 -3.83
N ASN B 750 -12.75 -27.00 -3.38
CA ASN B 750 -11.52 -27.72 -3.09
C ASN B 750 -11.71 -28.70 -1.94
N THR B 751 -12.51 -28.32 -0.95
CA THR B 751 -12.83 -29.24 0.15
C THR B 751 -13.53 -30.48 -0.36
N ALA B 752 -14.54 -30.30 -1.21
CA ALA B 752 -15.24 -31.46 -1.76
C ALA B 752 -14.31 -32.32 -2.61
N ILE B 753 -13.43 -31.68 -3.40
CA ILE B 753 -12.55 -32.44 -4.28
C ILE B 753 -11.55 -33.25 -3.46
N THR B 754 -11.02 -32.65 -2.39
CA THR B 754 -10.07 -33.37 -1.56
C THR B 754 -10.75 -34.49 -0.79
N ILE B 755 -11.98 -34.27 -0.31
CA ILE B 755 -12.73 -35.35 0.34
C ILE B 755 -12.89 -36.51 -0.62
N GLY B 756 -13.26 -36.22 -1.87
CA GLY B 756 -13.43 -37.27 -2.85
C GLY B 756 -12.14 -38.00 -3.16
N ARG B 757 -11.02 -37.27 -3.19
CA ARG B 757 -9.74 -37.90 -3.50
C ARG B 757 -9.29 -38.84 -2.38
N LEU B 758 -9.37 -38.35 -1.13
CA LEU B 758 -9.12 -39.21 0.02
C LEU B 758 -10.02 -40.45 0.01
N GLY B 759 -11.30 -40.28 -0.33
CA GLY B 759 -12.16 -41.44 -0.44
C GLY B 759 -11.77 -42.38 -1.56
N TYR B 760 -11.17 -41.84 -2.63
CA TYR B 760 -10.69 -42.67 -3.73
C TYR B 760 -9.55 -43.56 -3.26
N VAL B 761 -8.52 -42.99 -2.63
CA VAL B 761 -7.37 -43.81 -2.26
C VAL B 761 -7.57 -44.57 -0.94
N CYS B 762 -8.50 -44.16 -0.09
CA CYS B 762 -8.76 -44.86 1.18
C CYS B 762 -10.26 -44.90 1.41
N PRO B 763 -10.97 -45.79 0.70
CA PRO B 763 -12.44 -45.77 0.76
C PRO B 763 -13.00 -46.27 2.08
N GLN B 764 -12.35 -47.24 2.71
CA GLN B 764 -12.89 -47.81 3.95
C GLN B 764 -12.94 -46.76 5.05
N GLU B 765 -11.92 -45.91 5.14
CA GLU B 765 -11.85 -44.94 6.22
C GLU B 765 -12.87 -43.83 6.04
N VAL B 766 -13.14 -43.43 4.79
CA VAL B 766 -14.03 -42.30 4.58
C VAL B 766 -15.49 -42.72 4.41
N ALA B 767 -15.72 -43.97 4.01
CA ALA B 767 -17.05 -44.42 3.63
C ALA B 767 -18.13 -44.20 4.68
N PRO B 768 -17.89 -44.40 5.99
CA PRO B 768 -18.97 -44.20 6.96
C PRO B 768 -19.45 -42.76 7.05
N MET B 769 -18.86 -41.85 6.27
CA MET B 769 -19.05 -40.43 6.48
C MET B 769 -19.94 -39.76 5.44
N LEU B 770 -20.26 -40.46 4.34
CA LEU B 770 -20.97 -39.84 3.23
C LEU B 770 -22.32 -39.29 3.67
N GLN B 771 -22.95 -39.92 4.66
CA GLN B 771 -24.21 -39.44 5.20
C GLN B 771 -24.12 -37.96 5.54
N GLN B 772 -22.93 -37.51 5.93
CA GLN B 772 -22.73 -36.23 6.56
C GLN B 772 -22.21 -35.16 5.61
N PHE B 773 -21.82 -35.54 4.39
CA PHE B 773 -21.27 -34.56 3.46
C PHE B 773 -21.77 -34.66 2.02
N ILE B 774 -22.58 -35.66 1.66
CA ILE B 774 -22.90 -35.81 0.24
C ILE B 774 -23.76 -34.64 -0.28
N ARG B 775 -24.59 -34.03 0.56
CA ARG B 775 -25.46 -32.97 0.08
C ARG B 775 -24.70 -31.73 -0.36
N PRO B 776 -23.86 -31.11 0.48
CA PRO B 776 -23.11 -29.93 0.00
C PRO B 776 -22.06 -30.27 -1.04
N TRP B 777 -21.51 -31.49 -0.99
CA TRP B 777 -20.54 -31.94 -1.98
C TRP B 777 -21.11 -31.85 -3.38
N CYS B 778 -22.33 -32.36 -3.58
CA CYS B 778 -22.99 -32.26 -4.87
C CYS B 778 -23.49 -30.85 -5.13
N THR B 779 -23.96 -30.16 -4.09
CA THR B 779 -24.39 -28.77 -4.28
C THR B 779 -23.27 -27.92 -4.85
N SER B 780 -22.02 -28.26 -4.53
CA SER B 780 -20.87 -27.52 -5.02
C SER B 780 -20.40 -28.02 -6.39
N LEU B 781 -20.04 -29.30 -6.48
CA LEU B 781 -19.36 -29.81 -7.67
C LEU B 781 -20.27 -29.87 -8.91
N ARG B 782 -21.57 -29.67 -8.75
CA ARG B 782 -22.45 -29.60 -9.92
C ARG B 782 -22.14 -28.39 -10.80
N ASN B 783 -21.37 -27.43 -10.31
CA ASN B 783 -21.13 -26.18 -11.01
C ASN B 783 -19.78 -26.11 -11.71
N ILE B 784 -18.94 -27.14 -11.59
CA ILE B 784 -17.54 -27.03 -11.99
C ILE B 784 -17.30 -27.75 -13.30
N ARG B 785 -16.24 -27.34 -14.00
CA ARG B 785 -15.88 -27.85 -15.30
C ARG B 785 -15.52 -29.33 -15.22
N ASP B 786 -15.51 -29.98 -16.38
CA ASP B 786 -15.24 -31.41 -16.46
C ASP B 786 -13.74 -31.72 -16.53
N ASN B 787 -12.96 -31.09 -15.66
CA ASN B 787 -11.52 -31.30 -15.65
C ASN B 787 -11.16 -32.59 -14.90
N GLU B 788 -9.85 -32.83 -14.78
CA GLU B 788 -9.37 -34.04 -14.11
C GLU B 788 -9.63 -34.03 -12.61
N GLU B 789 -9.72 -32.84 -12.00
CA GLU B 789 -10.05 -32.75 -10.59
C GLU B 789 -11.42 -33.35 -10.31
N LYS B 790 -12.41 -32.93 -11.10
CA LYS B 790 -13.76 -33.47 -11.00
C LYS B 790 -13.78 -34.97 -11.24
N ASP B 791 -12.96 -35.43 -12.18
CA ASP B 791 -12.85 -36.87 -12.45
C ASP B 791 -12.36 -37.61 -11.23
N SER B 792 -11.31 -37.09 -10.58
CA SER B 792 -10.81 -37.72 -9.36
C SER B 792 -11.88 -37.73 -8.27
N ALA B 793 -12.58 -36.61 -8.09
CA ALA B 793 -13.56 -36.52 -7.01
C ALA B 793 -14.74 -37.47 -7.22
N PHE B 794 -15.20 -37.61 -8.47
CA PHE B 794 -16.31 -38.52 -8.72
C PHE B 794 -15.88 -39.98 -8.70
N ARG B 795 -14.66 -40.28 -9.17
CA ARG B 795 -14.12 -41.62 -8.92
C ARG B 795 -14.10 -41.92 -7.43
N GLY B 796 -13.78 -40.92 -6.62
CA GLY B 796 -13.81 -41.10 -5.17
C GLY B 796 -15.19 -41.38 -4.64
N ILE B 797 -16.19 -40.59 -5.06
CA ILE B 797 -17.55 -40.80 -4.55
C ILE B 797 -18.08 -42.16 -5.02
N CYS B 798 -17.68 -42.62 -6.21
CA CYS B 798 -18.13 -43.92 -6.69
C CYS B 798 -17.47 -45.06 -5.92
N THR B 799 -16.15 -44.95 -5.72
CA THR B 799 -15.42 -45.95 -4.93
C THR B 799 -15.98 -46.03 -3.52
N MET B 800 -16.38 -44.90 -2.95
CA MET B 800 -16.97 -44.90 -1.61
C MET B 800 -18.39 -45.46 -1.61
N ILE B 801 -19.16 -45.22 -2.68
CA ILE B 801 -20.48 -45.82 -2.81
C ILE B 801 -20.38 -47.34 -2.87
N SER B 802 -19.32 -47.86 -3.49
CA SER B 802 -19.14 -49.32 -3.58
C SER B 802 -18.91 -49.97 -2.22
N VAL B 803 -18.52 -49.21 -1.20
CA VAL B 803 -18.33 -49.74 0.14
C VAL B 803 -19.53 -49.46 1.03
N ASN B 804 -20.15 -48.29 0.89
CA ASN B 804 -21.33 -47.92 1.67
C ASN B 804 -22.29 -47.17 0.76
N PRO B 805 -23.30 -47.83 0.21
CA PRO B 805 -24.27 -47.09 -0.60
C PRO B 805 -25.28 -46.31 0.23
N SER B 806 -25.42 -46.63 1.53
CA SER B 806 -26.50 -46.06 2.32
C SER B 806 -26.36 -44.54 2.45
N GLY B 807 -25.13 -44.08 2.68
CA GLY B 807 -24.86 -42.67 2.85
C GLY B 807 -25.20 -41.84 1.64
N VAL B 808 -25.35 -42.47 0.48
CA VAL B 808 -25.85 -41.80 -0.71
C VAL B 808 -27.34 -42.04 -0.91
N ILE B 809 -27.80 -43.27 -0.66
CA ILE B 809 -29.22 -43.60 -0.74
C ILE B 809 -30.05 -42.58 0.03
N GLN B 810 -29.52 -42.08 1.15
CA GLN B 810 -30.22 -41.04 1.89
C GLN B 810 -30.61 -39.83 1.03
N ASP B 811 -29.78 -39.50 0.04
CA ASP B 811 -29.89 -38.19 -0.62
C ASP B 811 -29.76 -38.28 -2.15
N PHE B 812 -29.91 -39.48 -2.71
CA PHE B 812 -29.51 -39.83 -4.07
C PHE B 812 -29.92 -38.83 -5.15
N ILE B 813 -30.92 -37.97 -4.90
CA ILE B 813 -31.34 -37.02 -5.92
C ILE B 813 -30.23 -36.00 -6.21
N PHE B 814 -29.50 -35.59 -5.18
CA PHE B 814 -28.42 -34.63 -5.40
C PHE B 814 -27.25 -35.27 -6.14
N PHE B 815 -27.01 -36.56 -5.91
CA PHE B 815 -25.99 -37.26 -6.69
C PHE B 815 -26.41 -37.37 -8.15
N CYS B 816 -27.71 -37.58 -8.40
CA CYS B 816 -28.19 -37.57 -9.79
C CYS B 816 -28.02 -36.19 -10.42
N ASP B 817 -28.32 -35.14 -9.68
CA ASP B 817 -28.10 -33.78 -10.17
C ASP B 817 -26.63 -33.53 -10.50
N ALA B 818 -25.72 -33.99 -9.62
CA ALA B 818 -24.30 -33.76 -9.84
C ALA B 818 -23.75 -34.56 -11.01
N VAL B 819 -24.18 -35.82 -11.13
CA VAL B 819 -23.78 -36.63 -12.29
C VAL B 819 -24.32 -36.01 -13.57
N ALA B 820 -25.51 -35.40 -13.49
CA ALA B 820 -26.06 -34.71 -14.65
C ALA B 820 -25.25 -33.48 -15.05
N SER B 821 -24.45 -32.95 -14.12
CA SER B 821 -23.58 -31.85 -14.48
C SER B 821 -22.41 -32.27 -15.35
N TRP B 822 -22.14 -33.57 -15.45
CA TRP B 822 -21.12 -34.05 -16.37
C TRP B 822 -21.60 -33.94 -17.81
N ILE B 823 -20.74 -33.41 -18.66
CA ILE B 823 -21.02 -33.29 -20.08
C ILE B 823 -20.31 -34.37 -20.88
N ASN B 824 -19.05 -34.66 -20.52
CA ASN B 824 -18.18 -35.52 -21.32
C ASN B 824 -17.28 -36.33 -20.39
N PRO B 825 -17.85 -37.26 -19.63
CA PRO B 825 -17.03 -38.02 -18.68
C PRO B 825 -16.25 -39.13 -19.37
N LYS B 826 -15.19 -39.57 -18.68
CA LYS B 826 -14.41 -40.70 -19.15
C LYS B 826 -15.29 -41.94 -19.25
N ASP B 827 -14.94 -42.84 -20.17
CA ASP B 827 -15.79 -44.00 -20.43
C ASP B 827 -15.98 -44.87 -19.18
N ASP B 828 -14.90 -45.10 -18.43
CA ASP B 828 -15.02 -45.95 -17.24
C ASP B 828 -15.79 -45.23 -16.12
N LEU B 829 -15.62 -43.91 -16.00
CA LEU B 829 -16.46 -43.15 -15.07
C LEU B 829 -17.93 -43.19 -15.49
N ARG B 830 -18.17 -43.19 -16.79
CA ARG B 830 -19.54 -43.30 -17.29
C ARG B 830 -20.13 -44.67 -16.99
N ASP B 831 -19.31 -45.73 -17.11
CA ASP B 831 -19.74 -47.05 -16.68
C ASP B 831 -20.04 -47.09 -15.19
N MET B 832 -19.23 -46.39 -14.38
CA MET B 832 -19.45 -46.38 -12.94
C MET B 832 -20.75 -45.66 -12.59
N PHE B 833 -21.02 -44.53 -13.24
CA PHE B 833 -22.30 -43.87 -13.08
C PHE B 833 -23.46 -44.79 -13.49
N CYS B 834 -23.30 -45.51 -14.60
CA CYS B 834 -24.34 -46.45 -15.02
C CYS B 834 -24.56 -47.53 -13.97
N LYS B 835 -23.48 -48.08 -13.42
CA LYS B 835 -23.61 -49.16 -12.47
C LYS B 835 -24.25 -48.68 -11.17
N ILE B 836 -23.90 -47.47 -10.73
CA ILE B 836 -24.54 -46.92 -9.54
C ILE B 836 -26.02 -46.66 -9.79
N LEU B 837 -26.34 -46.02 -10.91
CA LEU B 837 -27.73 -45.61 -11.17
C LEU B 837 -28.62 -46.84 -11.36
N HIS B 838 -28.16 -47.81 -12.15
CA HIS B 838 -28.93 -49.04 -12.36
C HIS B 838 -29.00 -49.88 -11.09
N GLY B 839 -27.88 -50.00 -10.38
CA GLY B 839 -27.89 -50.76 -9.13
C GLY B 839 -28.86 -50.19 -8.12
N PHE B 840 -28.98 -48.85 -8.06
CA PHE B 840 -29.92 -48.23 -7.14
C PHE B 840 -31.34 -48.24 -7.70
N LYS B 841 -31.49 -48.26 -9.03
CA LYS B 841 -32.81 -48.42 -9.62
C LYS B 841 -33.39 -49.80 -9.32
N ASN B 842 -32.57 -50.85 -9.50
CA ASN B 842 -33.06 -52.20 -9.24
C ASN B 842 -33.31 -52.42 -7.75
N GLN B 843 -32.60 -51.67 -6.89
CA GLN B 843 -32.87 -51.71 -5.46
C GLN B 843 -34.21 -51.05 -5.11
N VAL B 844 -34.63 -50.04 -5.87
CA VAL B 844 -35.79 -49.28 -5.43
C VAL B 844 -37.06 -49.76 -6.12
N GLY B 845 -36.93 -50.41 -7.27
CA GLY B 845 -38.09 -50.87 -8.01
C GLY B 845 -38.54 -49.88 -9.06
N ASP B 846 -39.25 -50.40 -10.08
CA ASP B 846 -39.63 -49.56 -11.21
C ASP B 846 -40.59 -48.45 -10.81
N GLU B 847 -41.69 -48.80 -10.13
CA GLU B 847 -42.68 -47.77 -9.78
C GLU B 847 -42.13 -46.76 -8.78
N ASN B 848 -41.32 -47.23 -7.81
CA ASN B 848 -40.66 -46.30 -6.90
C ASN B 848 -39.68 -45.38 -7.64
N TRP B 849 -38.90 -45.93 -8.57
CA TRP B 849 -38.03 -45.09 -9.38
C TRP B 849 -38.82 -44.09 -10.23
N ARG B 850 -39.99 -44.51 -10.73
CA ARG B 850 -40.90 -43.60 -11.42
C ARG B 850 -41.22 -42.40 -10.56
N ARG B 851 -41.74 -42.66 -9.34
CA ARG B 851 -42.07 -41.55 -8.43
C ARG B 851 -40.84 -40.73 -8.06
N PHE B 852 -39.68 -41.38 -7.94
CA PHE B 852 -38.43 -40.72 -7.56
C PHE B 852 -37.89 -39.80 -8.65
N SER B 853 -38.26 -40.04 -9.91
CA SER B 853 -37.80 -39.25 -11.05
C SER B 853 -38.88 -38.37 -11.65
N ASP B 854 -40.12 -38.44 -11.15
CA ASP B 854 -41.22 -37.69 -11.76
C ASP B 854 -40.98 -36.19 -11.73
N GLN B 855 -40.33 -35.68 -10.69
CA GLN B 855 -40.14 -34.25 -10.50
C GLN B 855 -38.71 -33.79 -10.80
N PHE B 856 -37.93 -34.59 -11.53
CA PHE B 856 -36.73 -34.06 -12.16
C PHE B 856 -37.11 -32.94 -13.11
N PRO B 857 -36.31 -31.87 -13.20
CA PRO B 857 -36.48 -30.93 -14.32
C PRO B 857 -36.10 -31.62 -15.62
N LEU B 858 -36.67 -31.11 -16.71
CA LEU B 858 -36.56 -31.81 -18.00
C LEU B 858 -35.11 -32.05 -18.44
N PRO B 859 -34.21 -31.07 -18.39
CA PRO B 859 -32.82 -31.36 -18.79
C PRO B 859 -32.19 -32.47 -17.95
N LEU B 860 -32.38 -32.43 -16.62
CA LEU B 860 -31.88 -33.50 -15.76
C LEU B 860 -32.43 -34.87 -16.16
N LYS B 861 -33.77 -35.00 -16.12
CA LYS B 861 -34.41 -36.27 -16.49
C LYS B 861 -33.88 -36.79 -17.81
N GLU B 862 -33.78 -35.91 -18.80
CA GLU B 862 -33.56 -36.37 -20.15
C GLU B 862 -32.07 -36.69 -20.40
N ARG B 863 -31.17 -35.87 -19.86
CA ARG B 863 -29.75 -36.21 -19.94
C ARG B 863 -29.47 -37.51 -19.21
N LEU B 864 -29.94 -37.63 -17.98
CA LEU B 864 -29.71 -38.85 -17.21
C LEU B 864 -30.27 -40.07 -17.95
N ALA B 865 -31.49 -39.94 -18.47
CA ALA B 865 -32.14 -41.02 -19.21
C ALA B 865 -31.33 -41.43 -20.44
N ALA B 866 -30.99 -40.46 -21.30
CA ALA B 866 -30.31 -40.80 -22.55
C ALA B 866 -28.88 -41.28 -22.33
N PHE B 867 -28.20 -40.79 -21.29
CA PHE B 867 -26.78 -41.00 -21.14
C PHE B 867 -26.45 -42.21 -20.28
N TYR B 868 -27.39 -42.65 -19.42
CA TYR B 868 -27.12 -43.80 -18.57
C TYR B 868 -28.17 -44.90 -18.69
N GLY B 869 -29.07 -44.81 -19.67
CA GLY B 869 -30.10 -45.83 -19.82
C GLY B 869 -31.19 -45.77 -18.80
N VAL B 870 -31.57 -44.56 -18.35
CA VAL B 870 -32.53 -44.35 -17.28
C VAL B 870 -32.18 -45.23 -16.08
#